data_6PMG
#
_entry.id   6PMG
#
loop_
_entity.id
_entity.type
_entity.pdbx_description
1 polymer 'Zinc finger protein mex-5'
2 non-polymer 'ZINC ION'
#
_entity_poly.entity_id   1
_entity_poly.type   'polypeptide(L)'
_entity_poly.pdbx_seq_one_letter_code
;NNKYKTKLCKNFARGGTGFCPYGLRCEFVHPTDKE
;
_entity_poly.pdbx_strand_id   X
#
loop_
_chem_comp.id
_chem_comp.type
_chem_comp.name
_chem_comp.formula
ZN non-polymer 'ZINC ION' 'Zn 2'
#
# COMPACT_ATOMS: atom_id res chain seq x y z
N ASN A 1 -8.25 -11.66 11.06
CA ASN A 1 -7.23 -12.08 10.08
C ASN A 1 -7.16 -11.03 8.95
N ASN A 2 -8.11 -11.10 7.99
CA ASN A 2 -8.20 -10.15 6.85
C ASN A 2 -9.68 -9.83 6.54
N LYS A 3 -9.97 -8.53 6.38
CA LYS A 3 -11.27 -8.02 5.86
C LYS A 3 -11.16 -7.79 4.34
N TYR A 4 -10.13 -8.39 3.71
CA TYR A 4 -9.94 -8.46 2.25
C TYR A 4 -9.29 -7.16 1.69
N LYS A 5 -9.50 -6.02 2.38
CA LYS A 5 -8.77 -4.76 2.10
C LYS A 5 -7.35 -4.81 2.70
N THR A 6 -6.47 -5.57 2.06
CA THR A 6 -5.03 -5.62 2.37
C THR A 6 -4.30 -5.75 1.03
N LYS A 7 -4.46 -4.70 0.21
CA LYS A 7 -3.91 -4.65 -1.15
C LYS A 7 -2.56 -3.91 -1.10
N LEU A 8 -1.47 -4.66 -0.85
CA LEU A 8 -0.12 -4.08 -0.76
C LEU A 8 0.24 -3.46 -2.12
N CYS A 9 0.49 -2.15 -2.10
CA CYS A 9 0.71 -1.34 -3.28
C CYS A 9 1.86 -1.87 -4.15
N LYS A 10 1.68 -1.78 -5.48
CA LYS A 10 2.75 -2.02 -6.46
C LYS A 10 3.90 -1.00 -6.26
N ASN A 11 3.56 0.14 -5.64
CA ASN A 11 4.52 1.18 -5.22
C ASN A 11 5.42 0.61 -4.12
N PHE A 12 4.78 0.01 -3.09
CA PHE A 12 5.45 -0.54 -1.89
C PHE A 12 5.91 -1.99 -2.09
N ALA A 13 5.69 -2.52 -3.30
CA ALA A 13 6.23 -3.82 -3.73
C ALA A 13 7.74 -3.65 -3.99
N ARG A 14 8.55 -4.59 -3.46
CA ARG A 14 10.02 -4.53 -3.52
C ARG A 14 10.53 -4.61 -4.98
N GLY A 15 11.20 -3.54 -5.42
CA GLY A 15 11.57 -3.35 -6.84
C GLY A 15 10.82 -2.20 -7.49
N GLY A 16 9.81 -1.65 -6.75
CA GLY A 16 9.03 -0.48 -7.18
C GLY A 16 9.64 0.83 -6.70
N THR A 17 8.80 1.87 -6.53
CA THR A 17 9.24 3.20 -6.08
C THR A 17 9.36 3.25 -4.54
N GLY A 18 8.31 2.75 -3.87
CA GLY A 18 8.17 2.78 -2.42
C GLY A 18 7.32 3.95 -1.96
N PHE A 19 6.97 4.84 -2.90
CA PHE A 19 6.09 5.99 -2.67
C PHE A 19 4.80 5.85 -3.51
N CYS A 20 3.64 5.89 -2.83
CA CYS A 20 2.33 6.06 -3.49
C CYS A 20 2.09 7.57 -3.75
N PRO A 21 1.80 7.99 -5.03
CA PRO A 21 1.51 9.41 -5.36
C PRO A 21 0.26 9.96 -4.61
N TYR A 22 -0.67 9.06 -4.30
CA TYR A 22 -1.94 9.37 -3.61
C TYR A 22 -1.73 9.56 -2.09
N GLY A 23 -0.59 9.06 -1.57
CA GLY A 23 -0.25 9.17 -0.15
C GLY A 23 -1.17 8.36 0.76
N LEU A 24 -1.79 9.03 1.75
CA LEU A 24 -2.79 8.43 2.67
C LEU A 24 -4.07 8.05 1.90
N ARG A 25 -4.39 8.85 0.87
CA ARG A 25 -5.61 8.70 0.05
C ARG A 25 -5.52 7.47 -0.90
N CYS A 26 -4.36 6.80 -0.93
CA CYS A 26 -4.11 5.59 -1.72
C CYS A 26 -5.08 4.46 -1.32
N GLU A 27 -5.84 3.98 -2.33
CA GLU A 27 -6.82 2.89 -2.15
C GLU A 27 -6.13 1.55 -1.78
N PHE A 28 -4.91 1.37 -2.31
CA PHE A 28 -4.07 0.21 -1.98
C PHE A 28 -3.47 0.38 -0.58
N VAL A 29 -3.71 -0.63 0.27
CA VAL A 29 -3.32 -0.62 1.70
C VAL A 29 -1.81 -0.87 1.83
N HIS A 30 -1.13 -0.01 2.61
CA HIS A 30 0.33 -0.09 2.80
C HIS A 30 0.64 -1.05 3.96
N PRO A 31 1.80 -1.78 3.92
CA PRO A 31 2.24 -2.63 5.07
C PRO A 31 2.57 -1.77 6.32
N THR A 32 2.75 -0.45 6.12
CA THR A 32 2.96 0.52 7.20
C THR A 32 1.65 0.74 7.99
N ASP A 33 0.49 0.70 7.29
CA ASP A 33 -0.84 0.93 7.90
C ASP A 33 -1.19 -0.16 8.93
N LYS A 34 -0.92 0.14 10.20
CA LYS A 34 -1.36 -0.68 11.35
C LYS A 34 -2.69 -0.14 11.92
N GLU A 35 -3.29 -0.92 12.81
CA GLU A 35 -4.54 -0.56 13.49
C GLU A 35 -4.32 0.65 14.47
ZN ZN B . -0.44 2.94 -1.48
N ASN A 1 -17.45 -10.20 1.94
CA ASN A 1 -17.66 -10.19 0.47
C ASN A 1 -16.72 -9.17 -0.22
N ASN A 2 -15.68 -8.75 0.51
CA ASN A 2 -14.73 -7.72 0.07
C ASN A 2 -13.36 -7.98 0.74
N LYS A 3 -12.52 -8.78 0.06
CA LYS A 3 -11.16 -9.11 0.55
C LYS A 3 -10.10 -8.30 -0.25
N TYR A 4 -10.35 -6.98 -0.39
CA TYR A 4 -9.41 -6.08 -1.11
C TYR A 4 -8.24 -5.70 -0.20
N LYS A 5 -8.47 -5.69 1.13
CA LYS A 5 -7.46 -5.34 2.13
C LYS A 5 -6.54 -6.55 2.40
N THR A 6 -5.58 -6.73 1.47
CA THR A 6 -4.61 -7.84 1.46
C THR A 6 -3.55 -7.55 0.40
N LYS A 7 -3.96 -6.85 -0.68
CA LYS A 7 -3.08 -6.45 -1.78
C LYS A 7 -2.25 -5.23 -1.39
N LEU A 8 -0.94 -5.47 -1.18
CA LEU A 8 0.06 -4.43 -0.96
C LEU A 8 0.19 -3.56 -2.24
N CYS A 9 0.42 -2.25 -2.04
CA CYS A 9 0.68 -1.31 -3.13
C CYS A 9 1.92 -1.75 -3.93
N LYS A 10 1.79 -1.78 -5.26
CA LYS A 10 2.91 -2.03 -6.19
C LYS A 10 4.07 -1.02 -5.98
N ASN A 11 3.71 0.16 -5.45
CA ASN A 11 4.63 1.23 -5.08
C ASN A 11 5.55 0.77 -3.93
N PHE A 12 4.94 0.11 -2.92
CA PHE A 12 5.63 -0.34 -1.70
C PHE A 12 6.22 -1.74 -1.87
N ALA A 13 5.75 -2.49 -2.89
CA ALA A 13 6.24 -3.84 -3.20
C ALA A 13 7.73 -3.79 -3.58
N ARG A 14 8.44 -4.91 -3.39
CA ARG A 14 9.91 -5.01 -3.63
C ARG A 14 10.25 -4.76 -5.11
N GLY A 15 11.17 -3.80 -5.34
CA GLY A 15 11.48 -3.28 -6.67
C GLY A 15 10.83 -1.91 -6.94
N GLY A 16 9.90 -1.52 -6.05
CA GLY A 16 9.19 -0.25 -6.13
C GLY A 16 9.87 0.85 -5.33
N THR A 17 9.38 2.09 -5.49
CA THR A 17 10.01 3.30 -4.92
C THR A 17 9.55 3.57 -3.46
N GLY A 18 8.64 2.74 -2.94
CA GLY A 18 8.09 2.87 -1.57
C GLY A 18 7.09 4.03 -1.39
N PHE A 19 6.84 4.78 -2.47
CA PHE A 19 5.99 5.99 -2.45
C PHE A 19 4.74 5.78 -3.33
N CYS A 20 3.54 5.84 -2.73
CA CYS A 20 2.27 6.00 -3.47
C CYS A 20 2.07 7.50 -3.77
N PRO A 21 1.76 7.90 -5.05
CA PRO A 21 1.50 9.32 -5.44
C PRO A 21 0.32 9.94 -4.65
N TYR A 22 -0.63 9.10 -4.28
CA TYR A 22 -1.88 9.51 -3.60
C TYR A 22 -1.69 9.63 -2.07
N GLY A 23 -0.59 9.02 -1.56
CA GLY A 23 -0.25 9.05 -0.13
C GLY A 23 -1.28 8.37 0.75
N LEU A 24 -1.84 9.13 1.72
CA LEU A 24 -2.87 8.63 2.66
C LEU A 24 -4.17 8.27 1.92
N ARG A 25 -4.42 8.99 0.81
CA ARG A 25 -5.65 8.84 0.00
C ARG A 25 -5.52 7.66 -1.01
N CYS A 26 -4.38 6.93 -0.96
CA CYS A 26 -4.15 5.74 -1.78
C CYS A 26 -5.17 4.63 -1.45
N GLU A 27 -5.77 4.05 -2.50
CA GLU A 27 -6.87 3.09 -2.39
C GLU A 27 -6.36 1.67 -2.07
N PHE A 28 -5.03 1.45 -2.21
CA PHE A 28 -4.39 0.13 -1.95
C PHE A 28 -3.65 0.15 -0.61
N VAL A 29 -3.39 -1.06 -0.09
CA VAL A 29 -2.92 -1.27 1.29
C VAL A 29 -1.41 -1.06 1.41
N HIS A 30 -1.01 -0.30 2.42
CA HIS A 30 0.41 -0.07 2.78
C HIS A 30 0.83 -1.10 3.85
N PRO A 31 2.16 -1.46 3.96
CA PRO A 31 2.63 -2.48 4.92
C PRO A 31 2.62 -1.95 6.37
N THR A 32 2.53 -0.61 6.50
CA THR A 32 2.24 0.07 7.77
C THR A 32 0.82 0.66 7.68
N ASP A 33 -0.17 -0.25 7.63
CA ASP A 33 -1.60 0.10 7.53
C ASP A 33 -2.11 0.60 8.89
N LYS A 34 -2.94 1.68 8.88
CA LYS A 34 -3.44 2.35 10.11
C LYS A 34 -4.95 2.67 9.98
N GLU A 35 -5.59 3.02 11.11
CA GLU A 35 -6.96 3.58 11.13
C GLU A 35 -6.87 5.11 10.89
ZN ZN B . -0.66 2.87 -1.47
N ASN A 1 -7.40 -9.98 13.69
CA ASN A 1 -7.92 -8.88 12.83
C ASN A 1 -6.80 -7.87 12.48
N ASN A 2 -5.54 -8.19 12.86
CA ASN A 2 -4.36 -7.38 12.56
C ASN A 2 -3.86 -7.72 11.14
N LYS A 3 -4.66 -7.35 10.14
CA LYS A 3 -4.36 -7.60 8.73
C LYS A 3 -5.05 -6.53 7.88
N TYR A 4 -4.55 -5.30 8.01
CA TYR A 4 -5.01 -4.14 7.23
C TYR A 4 -4.64 -4.34 5.76
N LYS A 5 -3.45 -4.91 5.55
CA LYS A 5 -2.85 -5.18 4.24
C LYS A 5 -3.70 -6.21 3.45
N THR A 6 -4.73 -5.71 2.76
CA THR A 6 -5.61 -6.54 1.88
C THR A 6 -4.92 -6.73 0.52
N LYS A 7 -4.37 -5.63 -0.01
CA LYS A 7 -3.68 -5.57 -1.30
C LYS A 7 -2.52 -4.58 -1.18
N LEU A 8 -1.30 -5.15 -1.13
CA LEU A 8 -0.05 -4.39 -1.12
C LEU A 8 0.08 -3.53 -2.39
N CYS A 9 0.51 -2.27 -2.20
CA CYS A 9 0.87 -1.37 -3.29
C CYS A 9 2.14 -1.89 -4.00
N LYS A 10 2.14 -1.88 -5.35
CA LYS A 10 3.35 -2.18 -6.13
C LYS A 10 4.43 -1.10 -5.89
N ASN A 11 3.97 0.08 -5.39
CA ASN A 11 4.84 1.17 -4.94
C ASN A 11 5.66 0.70 -3.74
N PHE A 12 4.97 0.08 -2.77
CA PHE A 12 5.58 -0.41 -1.51
C PHE A 12 6.14 -1.85 -1.67
N ALA A 13 6.02 -2.39 -2.89
CA ALA A 13 6.66 -3.66 -3.27
C ALA A 13 8.09 -3.40 -3.76
N ARG A 14 8.93 -4.46 -3.74
CA ARG A 14 10.36 -4.37 -4.13
C ARG A 14 10.48 -4.18 -5.65
N GLY A 15 11.14 -3.07 -6.05
CA GLY A 15 11.18 -2.62 -7.45
C GLY A 15 10.41 -1.31 -7.64
N GLY A 16 9.50 -1.02 -6.70
CA GLY A 16 8.81 0.28 -6.62
C GLY A 16 9.59 1.27 -5.74
N THR A 17 9.23 2.57 -5.82
CA THR A 17 9.93 3.65 -5.08
C THR A 17 9.61 3.61 -3.57
N GLY A 18 8.42 3.09 -3.24
CA GLY A 18 7.94 3.02 -1.85
C GLY A 18 6.95 4.14 -1.54
N PHE A 19 6.77 5.08 -2.49
CA PHE A 19 5.87 6.22 -2.33
C PHE A 19 4.70 6.13 -3.34
N CYS A 20 3.47 6.01 -2.83
CA CYS A 20 2.25 6.10 -3.65
C CYS A 20 1.98 7.58 -4.01
N PRO A 21 1.64 7.92 -5.30
CA PRO A 21 1.34 9.32 -5.72
C PRO A 21 0.19 9.98 -4.91
N TYR A 22 -0.73 9.13 -4.42
CA TYR A 22 -1.87 9.55 -3.59
C TYR A 22 -1.46 9.75 -2.12
N GLY A 23 -0.43 8.99 -1.68
CA GLY A 23 0.05 9.06 -0.29
C GLY A 23 -0.91 8.36 0.67
N LEU A 24 -1.38 9.10 1.69
CA LEU A 24 -2.42 8.63 2.64
C LEU A 24 -3.72 8.28 1.89
N ARG A 25 -4.00 9.05 0.82
CA ARG A 25 -5.24 8.93 0.01
C ARG A 25 -5.22 7.68 -0.91
N CYS A 26 -4.16 6.87 -0.82
CA CYS A 26 -4.00 5.64 -1.61
C CYS A 26 -5.04 4.57 -1.20
N GLU A 27 -5.73 4.02 -2.22
CA GLU A 27 -6.78 2.99 -2.03
C GLU A 27 -6.17 1.63 -1.68
N PHE A 28 -5.00 1.30 -2.30
CA PHE A 28 -4.23 0.10 -1.98
C PHE A 28 -3.60 0.28 -0.60
N VAL A 29 -3.89 -0.65 0.32
CA VAL A 29 -3.46 -0.53 1.73
C VAL A 29 -1.96 -0.87 1.85
N HIS A 30 -1.26 -0.04 2.62
CA HIS A 30 0.19 -0.14 2.84
C HIS A 30 0.49 -1.19 3.93
N PRO A 31 1.70 -1.84 3.90
CA PRO A 31 2.05 -2.90 4.89
C PRO A 31 2.33 -2.32 6.30
N THR A 32 2.52 -0.98 6.35
CA THR A 32 2.77 -0.22 7.59
C THR A 32 1.46 0.31 8.22
N ASP A 33 0.34 0.25 7.45
CA ASP A 33 -0.98 0.76 7.89
C ASP A 33 -1.43 0.01 9.16
N LYS A 34 -1.85 0.76 10.17
CA LYS A 34 -2.17 0.22 11.51
C LYS A 34 -3.25 1.12 12.18
N GLU A 35 -4.10 1.75 11.36
CA GLU A 35 -5.09 2.74 11.84
C GLU A 35 -6.23 2.03 12.63
ZN ZN B . -0.38 2.82 -1.60
N ASN A 1 4.51 -10.20 8.69
CA ASN A 1 4.94 -9.44 7.49
C ASN A 1 3.92 -8.36 7.08
N ASN A 2 2.67 -8.46 7.59
CA ASN A 2 1.55 -7.61 7.10
C ASN A 2 0.93 -6.77 8.24
N LYS A 3 0.34 -5.64 7.86
CA LYS A 3 -0.45 -4.77 8.74
C LYS A 3 -1.68 -4.32 7.94
N TYR A 4 -2.74 -5.15 8.03
CA TYR A 4 -4.03 -4.96 7.32
C TYR A 4 -3.86 -5.06 5.78
N LYS A 5 -2.72 -5.68 5.33
CA LYS A 5 -2.38 -5.76 3.89
C LYS A 5 -3.39 -6.68 3.12
N THR A 6 -4.46 -6.04 2.66
CA THR A 6 -5.49 -6.65 1.81
C THR A 6 -5.23 -6.23 0.36
N LYS A 7 -5.14 -4.91 0.16
CA LYS A 7 -4.78 -4.28 -1.11
C LYS A 7 -3.31 -3.83 -1.03
N LEU A 8 -2.37 -4.65 -1.51
CA LEU A 8 -0.93 -4.30 -1.50
C LEU A 8 -0.63 -3.24 -2.58
N CYS A 9 0.02 -2.15 -2.17
CA CYS A 9 0.56 -1.15 -3.10
C CYS A 9 1.75 -1.73 -3.87
N LYS A 10 1.68 -1.65 -5.22
CA LYS A 10 2.79 -1.99 -6.13
C LYS A 10 4.01 -1.07 -5.84
N ASN A 11 3.71 0.13 -5.31
CA ASN A 11 4.70 1.14 -4.90
C ASN A 11 5.59 0.61 -3.77
N PHE A 12 4.94 -0.05 -2.80
CA PHE A 12 5.58 -0.64 -1.61
C PHE A 12 5.97 -2.11 -1.86
N ALA A 13 5.47 -2.70 -2.96
CA ALA A 13 5.83 -4.05 -3.39
C ALA A 13 7.20 -4.01 -4.09
N ARG A 14 7.87 -5.19 -4.15
CA ARG A 14 9.25 -5.33 -4.68
C ARG A 14 9.40 -4.77 -6.10
N GLY A 15 10.50 -4.03 -6.33
CA GLY A 15 10.74 -3.31 -7.58
C GLY A 15 10.30 -1.85 -7.51
N GLY A 16 9.58 -1.47 -6.42
CA GLY A 16 9.15 -0.08 -6.18
C GLY A 16 10.14 0.67 -5.28
N THR A 17 9.72 1.86 -4.78
CA THR A 17 10.54 2.72 -3.92
C THR A 17 9.88 2.87 -2.52
N GLY A 18 8.56 2.64 -2.46
CA GLY A 18 7.78 2.83 -1.23
C GLY A 18 7.09 4.18 -1.18
N PHE A 19 6.93 4.80 -2.35
CA PHE A 19 6.20 6.08 -2.50
C PHE A 19 4.93 5.87 -3.34
N CYS A 20 3.75 5.96 -2.69
CA CYS A 20 2.46 6.11 -3.40
C CYS A 20 2.24 7.59 -3.73
N PRO A 21 2.03 7.98 -5.04
CA PRO A 21 1.80 9.39 -5.43
C PRO A 21 0.43 9.92 -4.99
N TYR A 22 -0.44 8.99 -4.55
CA TYR A 22 -1.78 9.30 -4.03
C TYR A 22 -1.71 9.63 -2.53
N GLY A 23 -0.78 8.95 -1.83
CA GLY A 23 -0.59 9.12 -0.38
C GLY A 23 -1.82 8.79 0.44
N LEU A 24 -2.57 9.84 0.86
CA LEU A 24 -3.79 9.70 1.66
C LEU A 24 -4.92 9.09 0.80
N ARG A 25 -4.94 9.46 -0.49
CA ARG A 25 -5.97 9.03 -1.45
C ARG A 25 -5.65 7.64 -2.07
N CYS A 26 -4.66 6.93 -1.49
CA CYS A 26 -4.27 5.59 -1.92
C CYS A 26 -5.31 4.56 -1.45
N GLU A 27 -5.94 3.86 -2.41
CA GLU A 27 -6.89 2.76 -2.12
C GLU A 27 -6.17 1.59 -1.45
N PHE A 28 -4.95 1.37 -1.93
CA PHE A 28 -4.12 0.24 -1.52
C PHE A 28 -3.43 0.55 -0.18
N VAL A 29 -3.69 -0.33 0.79
CA VAL A 29 -3.10 -0.26 2.13
C VAL A 29 -1.62 -0.71 2.08
N HIS A 30 -0.79 -0.09 2.90
CA HIS A 30 0.66 -0.29 2.90
C HIS A 30 1.02 -1.50 3.81
N PRO A 31 1.97 -2.41 3.34
CA PRO A 31 2.26 -3.72 4.00
C PRO A 31 2.56 -3.62 5.50
N THR A 32 3.16 -2.49 5.90
CA THR A 32 3.25 -2.07 7.30
C THR A 32 3.04 -0.54 7.33
N ASP A 33 1.77 -0.13 7.28
CA ASP A 33 1.40 1.29 7.42
C ASP A 33 1.53 1.69 8.89
N LYS A 34 2.55 2.52 9.20
CA LYS A 34 2.83 2.97 10.57
C LYS A 34 1.89 4.13 10.94
N GLU A 35 0.77 3.78 11.59
CA GLU A 35 -0.24 4.73 12.09
C GLU A 35 -1.21 3.99 13.05
ZN ZN B . -0.32 2.98 -1.06
N ASN A 1 -8.59 -11.14 11.63
CA ASN A 1 -9.61 -11.74 10.71
C ASN A 1 -10.32 -10.63 9.93
N ASN A 2 -11.02 -11.01 8.83
CA ASN A 2 -11.82 -10.12 7.94
C ASN A 2 -10.92 -9.42 6.93
N LYS A 3 -9.83 -8.79 7.41
CA LYS A 3 -8.87 -8.08 6.56
C LYS A 3 -7.99 -9.08 5.77
N TYR A 4 -8.47 -9.44 4.57
CA TYR A 4 -7.74 -10.28 3.61
C TYR A 4 -7.63 -9.54 2.27
N LYS A 5 -7.72 -8.19 2.33
CA LYS A 5 -7.55 -7.32 1.16
C LYS A 5 -6.07 -7.32 0.77
N THR A 6 -5.70 -8.25 -0.12
CA THR A 6 -4.30 -8.48 -0.51
C THR A 6 -3.98 -7.60 -1.73
N LYS A 7 -4.13 -6.28 -1.52
CA LYS A 7 -3.82 -5.24 -2.51
C LYS A 7 -2.70 -4.37 -1.95
N LEU A 8 -1.57 -5.04 -1.60
CA LEU A 8 -0.35 -4.37 -1.15
C LEU A 8 0.15 -3.49 -2.30
N CYS A 9 0.39 -2.21 -2.02
CA CYS A 9 0.79 -1.22 -3.03
C CYS A 9 2.08 -1.65 -3.74
N LYS A 10 2.01 -1.78 -5.07
CA LYS A 10 3.18 -2.05 -5.93
C LYS A 10 4.26 -0.95 -5.79
N ASN A 11 3.81 0.24 -5.33
CA ASN A 11 4.67 1.37 -4.99
C ASN A 11 5.47 1.05 -3.72
N PHE A 12 4.76 0.52 -2.71
CA PHE A 12 5.31 0.16 -1.38
C PHE A 12 5.90 -1.26 -1.37
N ALA A 13 5.88 -1.94 -2.53
CA ALA A 13 6.46 -3.28 -2.69
C ALA A 13 7.97 -3.24 -2.44
N ARG A 14 8.48 -4.32 -1.83
CA ARG A 14 9.91 -4.48 -1.53
C ARG A 14 10.68 -4.64 -2.86
N GLY A 15 11.45 -3.60 -3.19
CA GLY A 15 12.08 -3.45 -4.51
C GLY A 15 11.42 -2.34 -5.33
N GLY A 16 10.56 -1.54 -4.66
CA GLY A 16 9.84 -0.43 -5.29
C GLY A 16 10.29 0.93 -4.77
N THR A 17 9.43 1.94 -4.92
CA THR A 17 9.73 3.34 -4.52
C THR A 17 9.53 3.55 -3.02
N GLY A 18 8.39 3.04 -2.54
CA GLY A 18 7.96 3.16 -1.14
C GLY A 18 6.95 4.29 -0.95
N PHE A 19 6.75 5.09 -2.01
CA PHE A 19 5.78 6.22 -2.03
C PHE A 19 4.69 5.93 -3.07
N CYS A 20 3.40 5.98 -2.67
CA CYS A 20 2.27 6.00 -3.62
C CYS A 20 2.08 7.43 -4.16
N PRO A 21 1.73 7.61 -5.47
CA PRO A 21 1.44 8.96 -6.05
C PRO A 21 0.15 9.60 -5.46
N TYR A 22 -0.64 8.77 -4.76
CA TYR A 22 -1.86 9.22 -4.06
C TYR A 22 -1.52 9.68 -2.62
N GLY A 23 -0.37 9.17 -2.10
CA GLY A 23 0.06 9.44 -0.72
C GLY A 23 -0.76 8.63 0.29
N LEU A 24 -1.24 9.31 1.35
CA LEU A 24 -2.12 8.69 2.38
C LEU A 24 -3.54 8.49 1.83
N ARG A 25 -3.81 9.14 0.69
CA ARG A 25 -5.11 9.05 -0.02
C ARG A 25 -5.13 7.86 -1.00
N CYS A 26 -4.20 6.92 -0.82
CA CYS A 26 -4.08 5.72 -1.66
C CYS A 26 -5.21 4.71 -1.41
N GLU A 27 -5.65 4.05 -2.50
CA GLU A 27 -6.74 3.05 -2.46
C GLU A 27 -6.24 1.70 -1.88
N PHE A 28 -4.96 1.42 -2.14
CA PHE A 28 -4.34 0.11 -1.89
C PHE A 28 -3.71 0.04 -0.49
N VAL A 29 -3.62 -1.19 0.03
CA VAL A 29 -3.10 -1.50 1.37
C VAL A 29 -1.57 -1.24 1.45
N HIS A 30 -1.16 -0.43 2.44
CA HIS A 30 0.25 -0.17 2.73
C HIS A 30 0.79 -1.22 3.73
N PRO A 31 1.93 -1.94 3.42
CA PRO A 31 2.57 -2.89 4.36
C PRO A 31 3.18 -2.15 5.56
N THR A 32 3.64 -0.92 5.29
CA THR A 32 4.22 -0.01 6.29
C THR A 32 3.14 0.43 7.31
N ASP A 33 1.87 0.52 6.84
CA ASP A 33 0.72 0.73 7.71
C ASP A 33 0.43 -0.58 8.46
N LYS A 34 0.89 -0.65 9.72
CA LYS A 34 0.88 -1.88 10.53
C LYS A 34 -0.49 -2.13 11.14
N GLU A 35 -0.84 -3.41 11.33
CA GLU A 35 -2.13 -3.83 11.88
C GLU A 35 -2.01 -4.00 13.42
ZN ZN B . -0.66 2.93 -1.38
N ASN A 1 -13.41 -13.49 -6.99
CA ASN A 1 -13.60 -12.06 -7.29
C ASN A 1 -13.32 -11.23 -6.03
N ASN A 2 -12.03 -10.97 -5.75
CA ASN A 2 -11.60 -10.19 -4.55
C ASN A 2 -10.46 -9.23 -4.94
N LYS A 3 -10.83 -7.96 -5.20
CA LYS A 3 -9.89 -6.91 -5.64
C LYS A 3 -9.92 -5.72 -4.66
N TYR A 4 -10.31 -5.97 -3.41
CA TYR A 4 -10.36 -4.94 -2.34
C TYR A 4 -10.36 -5.61 -0.96
N LYS A 5 -9.19 -6.16 -0.58
CA LYS A 5 -8.92 -6.62 0.79
C LYS A 5 -7.40 -6.58 1.01
N THR A 6 -6.93 -5.46 1.60
CA THR A 6 -5.52 -5.14 1.81
C THR A 6 -4.74 -5.20 0.48
N LYS A 7 -5.00 -4.21 -0.38
CA LYS A 7 -4.39 -4.14 -1.70
C LYS A 7 -2.93 -3.66 -1.56
N LEU A 8 -2.01 -4.63 -1.37
CA LEU A 8 -0.58 -4.35 -1.18
C LEU A 8 -0.07 -3.51 -2.35
N CYS A 9 0.39 -2.28 -2.03
CA CYS A 9 0.89 -1.33 -3.04
C CYS A 9 2.14 -1.86 -3.74
N LYS A 10 2.09 -1.87 -5.08
CA LYS A 10 3.25 -2.19 -5.94
C LYS A 10 4.39 -1.16 -5.73
N ASN A 11 4.00 0.04 -5.26
CA ASN A 11 4.93 1.09 -4.83
C ASN A 11 5.73 0.62 -3.60
N PHE A 12 5.00 0.04 -2.62
CA PHE A 12 5.58 -0.40 -1.32
C PHE A 12 6.08 -1.86 -1.39
N ALA A 13 5.93 -2.51 -2.56
CA ALA A 13 6.50 -3.83 -2.80
C ALA A 13 8.04 -3.74 -2.96
N ARG A 14 8.72 -4.86 -2.73
CA ARG A 14 10.20 -4.95 -2.78
C ARG A 14 10.70 -4.76 -4.23
N GLY A 15 11.52 -3.73 -4.45
CA GLY A 15 11.94 -3.32 -5.79
C GLY A 15 11.18 -2.09 -6.28
N GLY A 16 10.08 -1.77 -5.59
CA GLY A 16 9.33 -0.53 -5.80
C GLY A 16 9.90 0.63 -5.00
N THR A 17 9.35 1.83 -5.21
CA THR A 17 9.84 3.08 -4.60
C THR A 17 9.54 3.12 -3.09
N GLY A 18 8.28 2.87 -2.75
CA GLY A 18 7.76 3.03 -1.39
C GLY A 18 6.98 4.32 -1.23
N PHE A 19 6.80 5.07 -2.34
CA PHE A 19 5.95 6.27 -2.38
C PHE A 19 4.74 6.01 -3.30
N CYS A 20 3.52 6.12 -2.78
CA CYS A 20 2.29 6.09 -3.59
C CYS A 20 1.97 7.49 -4.15
N PRO A 21 1.45 7.60 -5.42
CA PRO A 21 1.10 8.90 -6.04
C PRO A 21 -0.06 9.63 -5.32
N TYR A 22 -0.89 8.86 -4.62
CA TYR A 22 -1.99 9.38 -3.78
C TYR A 22 -1.51 9.64 -2.34
N GLY A 23 -0.39 8.97 -1.95
CA GLY A 23 0.16 9.07 -0.60
C GLY A 23 -0.74 8.44 0.46
N LEU A 24 -1.35 9.29 1.31
CA LEU A 24 -2.30 8.87 2.35
C LEU A 24 -3.66 8.51 1.72
N ARG A 25 -4.01 9.21 0.63
CA ARG A 25 -5.31 9.02 -0.10
C ARG A 25 -5.29 7.74 -0.96
N CYS A 26 -4.24 6.93 -0.83
CA CYS A 26 -4.07 5.69 -1.59
C CYS A 26 -5.13 4.64 -1.19
N GLU A 27 -5.92 4.24 -2.19
CA GLU A 27 -6.93 3.18 -2.07
C GLU A 27 -6.26 1.81 -1.83
N PHE A 28 -5.01 1.70 -2.32
CA PHE A 28 -4.17 0.52 -2.15
C PHE A 28 -3.52 0.58 -0.75
N VAL A 29 -3.77 -0.47 0.04
CA VAL A 29 -3.34 -0.56 1.44
C VAL A 29 -1.85 -0.88 1.54
N HIS A 30 -1.16 -0.11 2.39
CA HIS A 30 0.30 -0.24 2.61
C HIS A 30 0.50 -1.28 3.73
N PRO A 31 1.20 -2.44 3.46
CA PRO A 31 1.30 -3.58 4.41
C PRO A 31 1.87 -3.19 5.81
N THR A 32 2.86 -2.29 5.82
CA THR A 32 3.52 -1.81 7.06
C THR A 32 2.73 -0.64 7.69
N ASP A 33 2.10 0.20 6.83
CA ASP A 33 1.29 1.34 7.30
C ASP A 33 -0.14 0.87 7.61
N LYS A 34 -0.37 0.52 8.88
CA LYS A 34 -1.65 -0.01 9.36
C LYS A 34 -2.65 1.11 9.68
N GLU A 35 -3.89 0.90 9.24
CA GLU A 35 -5.07 1.70 9.61
C GLU A 35 -6.19 0.70 9.96
ZN ZN B . -0.45 2.95 -1.48
N ASN A 1 -7.29 -14.59 7.82
CA ASN A 1 -7.97 -13.97 8.98
C ASN A 1 -7.26 -12.65 9.35
N ASN A 2 -5.92 -12.69 9.37
CA ASN A 2 -5.08 -11.50 9.57
C ASN A 2 -5.22 -10.56 8.36
N LYS A 3 -5.96 -9.46 8.56
CA LYS A 3 -6.18 -8.42 7.53
C LYS A 3 -5.45 -7.12 7.93
N TYR A 4 -4.12 -7.24 8.11
CA TYR A 4 -3.19 -6.09 8.07
C TYR A 4 -2.70 -5.89 6.61
N LYS A 5 -3.56 -6.29 5.67
CA LYS A 5 -3.25 -6.47 4.26
C LYS A 5 -4.56 -6.75 3.51
N THR A 6 -4.65 -6.23 2.29
CA THR A 6 -5.84 -6.34 1.43
C THR A 6 -5.33 -6.37 -0.02
N LYS A 7 -4.69 -5.26 -0.42
CA LYS A 7 -3.83 -5.19 -1.60
C LYS A 7 -2.61 -4.35 -1.25
N LEU A 8 -1.43 -5.00 -1.22
CA LEU A 8 -0.13 -4.31 -1.18
C LEU A 8 -0.04 -3.36 -2.39
N CYS A 9 0.43 -2.15 -2.15
CA CYS A 9 0.61 -1.14 -3.19
C CYS A 9 1.64 -1.60 -4.23
N LYS A 10 1.23 -1.52 -5.49
CA LYS A 10 2.09 -1.73 -6.68
C LYS A 10 3.27 -0.72 -6.70
N ASN A 11 3.06 0.41 -6.02
CA ASN A 11 4.09 1.43 -5.79
C ASN A 11 5.18 0.86 -4.88
N PHE A 12 4.73 0.22 -3.76
CA PHE A 12 5.63 -0.35 -2.73
C PHE A 12 6.29 -1.66 -3.22
N ALA A 13 5.62 -2.33 -4.18
CA ALA A 13 6.19 -3.49 -4.89
C ALA A 13 7.24 -2.98 -5.90
N ARG A 14 8.46 -3.55 -5.85
CA ARG A 14 9.59 -3.09 -6.67
C ARG A 14 9.28 -3.26 -8.17
N GLY A 15 9.66 -2.25 -8.97
CA GLY A 15 9.14 -2.06 -10.33
C GLY A 15 8.25 -0.83 -10.37
N GLY A 16 7.72 -0.46 -9.18
CA GLY A 16 7.09 0.84 -8.95
C GLY A 16 8.12 1.89 -8.54
N THR A 17 7.72 2.83 -7.70
CA THR A 17 8.59 3.93 -7.21
C THR A 17 8.99 3.74 -5.73
N GLY A 18 8.19 2.93 -5.03
CA GLY A 18 8.28 2.73 -3.58
C GLY A 18 7.39 3.69 -2.80
N PHE A 19 6.89 4.73 -3.49
CA PHE A 19 6.02 5.77 -2.92
C PHE A 19 4.66 5.75 -3.63
N CYS A 20 3.56 5.78 -2.85
CA CYS A 20 2.21 6.02 -3.41
C CYS A 20 2.01 7.55 -3.59
N PRO A 21 1.71 8.05 -4.84
CA PRO A 21 1.57 9.50 -5.16
C PRO A 21 0.52 10.22 -4.29
N TYR A 22 -0.53 9.47 -3.94
CA TYR A 22 -1.68 9.95 -3.15
C TYR A 22 -1.32 10.04 -1.65
N GLY A 23 -0.25 9.34 -1.26
CA GLY A 23 0.15 9.20 0.15
C GLY A 23 -0.69 8.14 0.84
N LEU A 24 -1.27 8.50 2.02
CA LEU A 24 -2.19 7.63 2.78
C LEU A 24 -3.55 7.45 2.04
N ARG A 25 -3.85 8.39 1.13
CA ARG A 25 -5.12 8.41 0.35
C ARG A 25 -5.19 7.26 -0.69
N CYS A 26 -4.05 6.59 -0.92
CA CYS A 26 -3.93 5.44 -1.85
C CYS A 26 -4.94 4.32 -1.52
N GLU A 27 -5.70 3.91 -2.55
CA GLU A 27 -6.72 2.83 -2.48
C GLU A 27 -6.10 1.48 -2.05
N PHE A 28 -4.85 1.25 -2.46
CA PHE A 28 -4.08 0.06 -2.07
C PHE A 28 -3.50 0.29 -0.66
N VAL A 29 -3.69 -0.69 0.23
CA VAL A 29 -3.29 -0.59 1.64
C VAL A 29 -1.75 -0.76 1.76
N HIS A 30 -1.16 0.00 2.69
CA HIS A 30 0.31 0.05 2.88
C HIS A 30 0.73 -1.00 3.93
N PRO A 31 1.92 -1.69 3.74
CA PRO A 31 2.39 -2.72 4.68
C PRO A 31 2.80 -2.09 6.04
N THR A 32 3.18 -0.81 6.00
CA THR A 32 3.50 -0.03 7.18
C THR A 32 2.24 0.77 7.60
N ASP A 33 1.40 0.15 8.44
CA ASP A 33 0.16 0.75 8.96
C ASP A 33 0.05 0.32 10.44
N LYS A 34 0.56 1.18 11.33
CA LYS A 34 0.71 0.88 12.78
C LYS A 34 -0.18 1.80 13.63
N GLU A 35 -1.17 2.41 12.97
CA GLU A 35 -2.09 3.40 13.56
C GLU A 35 -3.30 2.68 14.19
ZN ZN B . -0.52 2.94 -1.38
N ASN A 1 -15.13 -12.49 4.52
CA ASN A 1 -13.92 -11.62 4.47
C ASN A 1 -13.60 -11.28 2.99
N ASN A 2 -13.90 -10.02 2.60
CA ASN A 2 -13.69 -9.51 1.23
C ASN A 2 -12.28 -8.92 1.12
N LYS A 3 -11.75 -8.86 -0.12
CA LYS A 3 -10.44 -8.22 -0.43
C LYS A 3 -10.64 -6.69 -0.64
N TYR A 4 -11.54 -6.09 0.17
CA TYR A 4 -12.03 -4.71 0.03
C TYR A 4 -10.88 -3.69 0.04
N LYS A 5 -10.19 -3.55 1.18
CA LYS A 5 -9.06 -2.63 1.32
C LYS A 5 -7.73 -3.37 1.13
N THR A 6 -7.75 -4.70 1.40
CA THR A 6 -6.58 -5.57 1.28
C THR A 6 -6.08 -5.65 -0.19
N LYS A 7 -5.24 -4.67 -0.55
CA LYS A 7 -4.64 -4.51 -1.88
C LYS A 7 -3.25 -3.89 -1.67
N LEU A 8 -2.19 -4.69 -1.83
CA LEU A 8 -0.80 -4.22 -1.64
C LEU A 8 -0.38 -3.27 -2.76
N CYS A 9 0.24 -2.15 -2.36
CA CYS A 9 0.84 -1.19 -3.29
C CYS A 9 2.08 -1.79 -3.97
N LYS A 10 2.13 -1.72 -5.31
CA LYS A 10 3.34 -2.04 -6.10
C LYS A 10 4.46 -1.02 -5.75
N ASN A 11 4.01 0.16 -5.30
CA ASN A 11 4.89 1.26 -4.88
C ASN A 11 5.69 0.87 -3.63
N PHE A 12 5.01 0.25 -2.64
CA PHE A 12 5.58 -0.06 -1.31
C PHE A 12 6.33 -1.39 -1.27
N ALA A 13 6.53 -2.01 -2.44
CA ALA A 13 7.44 -3.16 -2.58
C ALA A 13 8.89 -2.70 -2.34
N ARG A 14 9.56 -3.31 -1.33
CA ARG A 14 10.95 -2.93 -0.92
C ARG A 14 11.94 -3.18 -2.07
N GLY A 15 12.69 -2.12 -2.44
CA GLY A 15 13.51 -2.10 -3.64
C GLY A 15 12.92 -1.18 -4.70
N GLY A 16 11.62 -0.87 -4.56
CA GLY A 16 10.90 0.04 -5.46
C GLY A 16 10.94 1.49 -4.98
N THR A 17 9.98 2.32 -5.46
CA THR A 17 9.91 3.75 -5.14
C THR A 17 9.58 3.97 -3.64
N GLY A 18 8.74 3.09 -3.09
CA GLY A 18 8.31 3.15 -1.70
C GLY A 18 7.24 4.19 -1.39
N PHE A 19 6.93 5.07 -2.37
CA PHE A 19 5.94 6.14 -2.22
C PHE A 19 4.77 5.92 -3.22
N CYS A 20 3.53 6.11 -2.76
CA CYS A 20 2.33 6.09 -3.64
C CYS A 20 2.02 7.52 -4.16
N PRO A 21 1.48 7.66 -5.42
CA PRO A 21 1.19 9.00 -6.02
C PRO A 21 0.09 9.78 -5.24
N TYR A 22 -0.77 9.02 -4.55
CA TYR A 22 -1.81 9.57 -3.67
C TYR A 22 -1.31 9.62 -2.21
N GLY A 23 -0.32 8.77 -1.90
CA GLY A 23 0.25 8.68 -0.56
C GLY A 23 -0.74 8.25 0.50
N LEU A 24 -1.22 9.22 1.31
CA LEU A 24 -2.20 9.00 2.38
C LEU A 24 -3.56 8.55 1.80
N ARG A 25 -3.84 9.06 0.58
CA ARG A 25 -5.13 8.87 -0.10
C ARG A 25 -5.12 7.63 -1.03
N CYS A 26 -4.14 6.72 -0.83
CA CYS A 26 -3.96 5.50 -1.65
C CYS A 26 -4.94 4.39 -1.20
N GLU A 27 -5.80 3.94 -2.15
CA GLU A 27 -6.80 2.87 -1.89
C GLU A 27 -6.11 1.50 -1.77
N PHE A 28 -4.92 1.38 -2.38
CA PHE A 28 -4.01 0.27 -2.12
C PHE A 28 -3.43 0.45 -0.71
N VAL A 29 -3.79 -0.43 0.21
CA VAL A 29 -3.40 -0.32 1.62
C VAL A 29 -1.92 -0.71 1.80
N HIS A 30 -1.26 -0.01 2.73
CA HIS A 30 0.20 -0.13 2.94
C HIS A 30 0.49 -1.23 3.98
N PRO A 31 1.55 -2.07 3.77
CA PRO A 31 1.83 -3.23 4.64
C PRO A 31 2.32 -2.82 6.04
N THR A 32 2.90 -1.61 6.13
CA THR A 32 3.46 -1.03 7.37
C THR A 32 2.35 -0.67 8.38
N ASP A 33 1.16 -0.35 7.84
CA ASP A 33 -0.03 -0.02 8.63
C ASP A 33 -1.29 -0.27 7.76
N LYS A 34 -1.91 -1.45 7.97
CA LYS A 34 -3.08 -1.86 7.20
C LYS A 34 -4.38 -1.42 7.92
N GLU A 35 -5.01 -0.34 7.42
CA GLU A 35 -6.36 0.07 7.83
C GLU A 35 -7.32 -0.18 6.63
ZN ZN B . -0.33 2.95 -1.41
N ASN A 1 -8.16 -18.84 5.20
CA ASN A 1 -8.24 -17.38 4.99
C ASN A 1 -7.55 -16.98 3.67
N ASN A 2 -7.97 -15.84 3.10
CA ASN A 2 -7.45 -15.30 1.83
C ASN A 2 -7.19 -13.80 2.03
N LYS A 3 -6.00 -13.32 1.66
CA LYS A 3 -5.62 -11.90 1.77
C LYS A 3 -6.04 -11.11 0.51
N TYR A 4 -7.35 -11.11 0.21
CA TYR A 4 -7.94 -10.30 -0.90
C TYR A 4 -8.81 -9.16 -0.34
N LYS A 5 -9.05 -9.17 0.99
CA LYS A 5 -9.64 -8.03 1.72
C LYS A 5 -8.60 -6.92 1.92
N THR A 6 -7.32 -7.24 1.59
CA THR A 6 -6.22 -6.27 1.51
C THR A 6 -5.72 -6.19 0.03
N LYS A 7 -5.03 -5.08 -0.31
CA LYS A 7 -4.51 -4.86 -1.68
C LYS A 7 -3.13 -4.17 -1.57
N LEU A 8 -2.08 -4.99 -1.40
CA LEU A 8 -0.70 -4.53 -1.18
C LEU A 8 -0.23 -3.63 -2.35
N CYS A 9 0.23 -2.41 -2.02
CA CYS A 9 0.75 -1.44 -2.99
C CYS A 9 1.99 -1.96 -3.70
N LYS A 10 1.91 -2.06 -5.05
CA LYS A 10 3.06 -2.41 -5.92
C LYS A 10 4.23 -1.41 -5.71
N ASN A 11 3.87 -0.16 -5.32
CA ASN A 11 4.82 0.91 -4.99
C ASN A 11 5.66 0.53 -3.77
N PHE A 12 4.97 0.01 -2.74
CA PHE A 12 5.60 -0.38 -1.46
C PHE A 12 6.25 -1.77 -1.55
N ALA A 13 5.91 -2.53 -2.60
CA ALA A 13 6.57 -3.80 -2.94
C ALA A 13 7.96 -3.53 -3.55
N ARG A 14 8.86 -4.53 -3.44
CA ARG A 14 10.25 -4.44 -3.95
C ARG A 14 10.27 -4.34 -5.48
N GLY A 15 10.96 -3.31 -6.00
CA GLY A 15 10.87 -2.91 -7.42
C GLY A 15 10.15 -1.58 -7.56
N GLY A 16 9.36 -1.24 -6.53
CA GLY A 16 8.76 0.07 -6.38
C GLY A 16 9.63 1.00 -5.54
N THR A 17 9.28 2.30 -5.54
CA THR A 17 10.06 3.34 -4.81
C THR A 17 9.63 3.42 -3.32
N GLY A 18 8.48 2.79 -3.00
CA GLY A 18 7.95 2.77 -1.62
C GLY A 18 7.03 3.94 -1.32
N PHE A 19 6.84 4.81 -2.31
CA PHE A 19 5.98 6.00 -2.21
C PHE A 19 4.78 5.84 -3.16
N CYS A 20 3.55 6.05 -2.65
CA CYS A 20 2.34 6.16 -3.48
C CYS A 20 2.13 7.65 -3.86
N PRO A 21 1.84 7.97 -5.17
CA PRO A 21 1.53 9.36 -5.61
C PRO A 21 0.26 9.92 -4.91
N TYR A 22 -0.63 9.00 -4.53
CA TYR A 22 -1.86 9.30 -3.79
C TYR A 22 -1.55 9.50 -2.29
N GLY A 23 -0.52 8.79 -1.78
CA GLY A 23 -0.10 8.87 -0.37
C GLY A 23 -1.14 8.32 0.59
N LEU A 24 -1.74 9.21 1.41
CA LEU A 24 -2.83 8.86 2.35
C LEU A 24 -4.13 8.52 1.57
N ARG A 25 -4.30 9.19 0.42
CA ARG A 25 -5.50 9.05 -0.44
C ARG A 25 -5.47 7.74 -1.25
N CYS A 26 -4.37 6.96 -1.11
CA CYS A 26 -4.21 5.66 -1.75
C CYS A 26 -5.18 4.64 -1.15
N GLU A 27 -6.06 4.10 -2.02
CA GLU A 27 -6.98 3.00 -1.69
C GLU A 27 -6.20 1.70 -1.47
N PHE A 28 -5.07 1.56 -2.18
CA PHE A 28 -4.18 0.41 -2.07
C PHE A 28 -3.50 0.41 -0.68
N VAL A 29 -3.62 -0.74 0.01
CA VAL A 29 -3.11 -0.95 1.37
C VAL A 29 -1.58 -0.96 1.40
N HIS A 30 -1.02 -0.18 2.33
CA HIS A 30 0.43 -0.11 2.56
C HIS A 30 0.82 -1.18 3.62
N PRO A 31 1.69 -2.18 3.26
CA PRO A 31 2.06 -3.30 4.17
C PRO A 31 2.84 -2.84 5.43
N THR A 32 3.39 -1.63 5.37
CA THR A 32 4.18 -1.02 6.46
C THR A 32 3.33 -0.02 7.29
N ASP A 33 2.05 0.12 6.92
CA ASP A 33 1.13 1.12 7.52
C ASP A 33 -0.13 0.45 8.08
N LYS A 34 -0.81 1.18 8.98
CA LYS A 34 -2.02 0.71 9.66
C LYS A 34 -3.19 0.53 8.66
N GLU A 35 -3.87 -0.61 8.77
CA GLU A 35 -5.06 -0.92 7.97
C GLU A 35 -6.02 -1.80 8.81
ZN ZN B . -0.52 2.92 -1.55
N ASN A 1 -14.56 -14.43 -1.19
CA ASN A 1 -14.25 -12.97 -1.20
C ASN A 1 -13.94 -12.47 0.22
N ASN A 2 -12.64 -12.33 0.53
CA ASN A 2 -12.16 -11.70 1.78
C ASN A 2 -10.90 -10.87 1.47
N LYS A 3 -10.53 -9.98 2.40
CA LYS A 3 -9.30 -9.15 2.33
C LYS A 3 -9.26 -8.25 1.08
N TYR A 4 -10.45 -7.90 0.55
CA TYR A 4 -10.61 -7.16 -0.71
C TYR A 4 -10.03 -5.73 -0.61
N LYS A 5 -10.13 -5.10 0.57
CA LYS A 5 -9.56 -3.76 0.82
C LYS A 5 -8.02 -3.80 0.86
N THR A 6 -7.47 -4.84 1.53
CA THR A 6 -6.03 -4.99 1.70
C THR A 6 -5.35 -5.37 0.37
N LYS A 7 -4.99 -4.32 -0.39
CA LYS A 7 -4.27 -4.42 -1.65
C LYS A 7 -2.88 -3.81 -1.44
N LEU A 8 -1.90 -4.69 -1.17
CA LEU A 8 -0.50 -4.30 -0.91
C LEU A 8 0.05 -3.50 -2.11
N CYS A 9 0.43 -2.22 -1.84
CA CYS A 9 0.98 -1.33 -2.87
C CYS A 9 2.30 -1.87 -3.43
N LYS A 10 2.35 -2.02 -4.77
CA LYS A 10 3.58 -2.36 -5.51
C LYS A 10 4.68 -1.31 -5.29
N ASN A 11 4.26 -0.05 -5.03
CA ASN A 11 5.16 1.06 -4.68
C ASN A 11 5.78 0.82 -3.28
N PHE A 12 4.95 0.35 -2.34
CA PHE A 12 5.38 0.05 -0.94
C PHE A 12 5.87 -1.41 -0.79
N ALA A 13 5.89 -2.16 -1.90
CA ALA A 13 6.45 -3.53 -1.94
C ALA A 13 7.98 -3.49 -1.98
N ARG A 14 8.62 -4.60 -1.60
CA ARG A 14 10.08 -4.71 -1.62
C ARG A 14 10.57 -4.67 -3.08
N GLY A 15 11.24 -3.55 -3.44
CA GLY A 15 11.67 -3.29 -4.81
C GLY A 15 10.85 -2.18 -5.48
N GLY A 16 10.07 -1.42 -4.67
CA GLY A 16 9.28 -0.29 -5.17
C GLY A 16 9.96 1.05 -4.93
N THR A 17 9.29 2.15 -5.32
CA THR A 17 9.76 3.53 -5.06
C THR A 17 9.61 3.86 -3.56
N GLY A 18 8.49 3.40 -2.99
CA GLY A 18 8.12 3.64 -1.60
C GLY A 18 7.13 4.79 -1.46
N PHE A 19 6.86 5.50 -2.56
CA PHE A 19 5.90 6.61 -2.60
C PHE A 19 4.71 6.25 -3.51
N CYS A 20 3.50 6.22 -2.94
CA CYS A 20 2.24 6.18 -3.72
C CYS A 20 1.94 7.58 -4.29
N PRO A 21 1.77 7.74 -5.64
CA PRO A 21 1.42 9.06 -6.26
C PRO A 21 0.06 9.61 -5.79
N TYR A 22 -0.81 8.70 -5.34
CA TYR A 22 -2.12 9.02 -4.75
C TYR A 22 -1.96 9.74 -3.39
N GLY A 23 -0.79 9.56 -2.76
CA GLY A 23 -0.47 10.21 -1.48
C GLY A 23 -1.22 9.59 -0.32
N LEU A 24 -1.90 10.44 0.47
CA LEU A 24 -2.75 10.01 1.60
C LEU A 24 -4.05 9.35 1.08
N ARG A 25 -4.46 9.76 -0.14
CA ARG A 25 -5.71 9.27 -0.79
C ARG A 25 -5.55 7.86 -1.40
N CYS A 26 -4.37 7.23 -1.20
CA CYS A 26 -4.14 5.85 -1.64
C CYS A 26 -5.05 4.88 -0.87
N GLU A 27 -5.95 4.20 -1.61
CA GLU A 27 -6.86 3.17 -1.07
C GLU A 27 -6.11 1.86 -0.81
N PHE A 28 -5.13 1.58 -1.68
CA PHE A 28 -4.33 0.35 -1.64
C PHE A 28 -3.59 0.27 -0.29
N VAL A 29 -4.03 -0.68 0.57
CA VAL A 29 -3.52 -0.84 1.93
C VAL A 29 -2.03 -1.24 1.90
N HIS A 30 -1.21 -0.37 2.50
CA HIS A 30 0.24 -0.55 2.58
C HIS A 30 0.57 -1.73 3.52
N PRO A 31 1.69 -2.49 3.28
CA PRO A 31 2.06 -3.66 4.14
C PRO A 31 2.29 -3.26 5.62
N THR A 32 2.70 -2.00 5.81
CA THR A 32 2.95 -1.41 7.15
C THR A 32 1.65 -0.83 7.76
N ASP A 33 0.63 -0.61 6.92
CA ASP A 33 -0.65 0.01 7.32
C ASP A 33 -1.65 -1.04 7.83
N LYS A 34 -2.52 -0.60 8.76
CA LYS A 34 -3.53 -1.45 9.40
C LYS A 34 -4.79 -0.63 9.76
N GLU A 35 -4.78 0.68 9.46
CA GLU A 35 -5.85 1.62 9.88
C GLU A 35 -6.38 2.41 8.64
ZN ZN B . -0.41 2.94 -1.44
N ASN A 1 -12.00 -12.23 -3.03
CA ASN A 1 -10.76 -12.06 -2.24
C ASN A 1 -11.12 -11.90 -0.75
N ASN A 2 -10.53 -12.76 0.11
CA ASN A 2 -10.69 -12.68 1.58
C ASN A 2 -9.96 -11.43 2.11
N LYS A 3 -8.78 -11.16 1.54
CA LYS A 3 -7.96 -9.97 1.86
C LYS A 3 -8.32 -8.78 0.92
N TYR A 4 -9.63 -8.68 0.56
CA TYR A 4 -10.15 -7.72 -0.45
C TYR A 4 -9.68 -6.27 -0.21
N LYS A 5 -9.78 -5.81 1.04
CA LYS A 5 -9.39 -4.45 1.44
C LYS A 5 -7.85 -4.28 1.37
N THR A 6 -7.11 -5.25 1.95
CA THR A 6 -5.64 -5.16 2.09
C THR A 6 -4.93 -5.53 0.78
N LYS A 7 -4.73 -4.52 -0.08
CA LYS A 7 -3.99 -4.66 -1.35
C LYS A 7 -2.60 -4.05 -1.19
N LEU A 8 -1.54 -4.87 -1.20
CA LEU A 8 -0.14 -4.40 -1.20
C LEU A 8 0.12 -3.50 -2.42
N CYS A 9 0.60 -2.27 -2.16
CA CYS A 9 0.88 -1.27 -3.19
C CYS A 9 2.02 -1.72 -4.12
N LYS A 10 1.74 -1.69 -5.43
CA LYS A 10 2.74 -1.89 -6.50
C LYS A 10 3.76 -0.74 -6.49
N ASN A 11 3.36 0.38 -5.86
CA ASN A 11 4.19 1.56 -5.66
C ASN A 11 5.30 1.24 -4.63
N PHE A 12 4.89 0.55 -3.54
CA PHE A 12 5.77 0.14 -2.43
C PHE A 12 6.55 -1.15 -2.75
N ALA A 13 6.11 -1.84 -3.83
CA ALA A 13 6.81 -3.03 -4.35
C ALA A 13 8.13 -2.58 -5.03
N ARG A 14 9.26 -3.10 -4.52
CA ARG A 14 10.62 -2.64 -4.92
C ARG A 14 10.93 -2.95 -6.39
N GLY A 15 11.71 -2.03 -7.00
CA GLY A 15 11.88 -1.94 -8.44
C GLY A 15 11.15 -0.73 -9.02
N GLY A 16 10.57 0.09 -8.12
CA GLY A 16 9.84 1.30 -8.49
C GLY A 16 10.21 2.49 -7.61
N THR A 17 9.24 3.38 -7.37
CA THR A 17 9.45 4.62 -6.59
C THR A 17 9.53 4.34 -5.07
N GLY A 18 8.70 3.38 -4.61
CA GLY A 18 8.51 3.12 -3.18
C GLY A 18 7.44 4.04 -2.59
N PHE A 19 6.98 5.02 -3.38
CA PHE A 19 6.01 6.05 -2.94
C PHE A 19 4.70 5.90 -3.73
N CYS A 20 3.56 5.93 -3.01
CA CYS A 20 2.23 6.03 -3.63
C CYS A 20 1.94 7.51 -3.94
N PRO A 21 1.61 7.87 -5.22
CA PRO A 21 1.34 9.28 -5.61
C PRO A 21 0.11 9.88 -4.90
N TYR A 22 -0.78 8.99 -4.44
CA TYR A 22 -1.99 9.35 -3.66
C TYR A 22 -1.60 9.70 -2.19
N GLY A 23 -0.50 9.10 -1.72
CA GLY A 23 -0.01 9.28 -0.36
C GLY A 23 -0.89 8.57 0.67
N LEU A 24 -1.48 9.36 1.57
CA LEU A 24 -2.43 8.87 2.59
C LEU A 24 -3.78 8.50 1.94
N ARG A 25 -4.05 9.08 0.76
CA ARG A 25 -5.31 8.90 0.01
C ARG A 25 -5.21 7.68 -0.94
N CYS A 26 -4.24 6.78 -0.65
CA CYS A 26 -3.91 5.62 -1.49
C CYS A 26 -5.07 4.62 -1.55
N GLU A 27 -5.37 4.15 -2.78
CA GLU A 27 -6.37 3.11 -3.02
C GLU A 27 -5.91 1.79 -2.39
N PHE A 28 -4.63 1.47 -2.60
CA PHE A 28 -4.01 0.23 -2.11
C PHE A 28 -3.52 0.40 -0.67
N VAL A 29 -3.71 -0.63 0.16
CA VAL A 29 -3.34 -0.62 1.58
C VAL A 29 -1.83 -0.88 1.76
N HIS A 30 -1.20 -0.03 2.59
CA HIS A 30 0.22 -0.13 2.92
C HIS A 30 0.41 -1.20 4.03
N PRO A 31 1.42 -2.12 3.91
CA PRO A 31 1.68 -3.17 4.93
C PRO A 31 2.13 -2.54 6.29
N THR A 32 2.57 -1.28 6.24
CA THR A 32 2.86 -0.45 7.41
C THR A 32 2.12 0.89 7.23
N ASP A 33 0.77 0.80 7.19
CA ASP A 33 -0.13 1.96 7.00
C ASP A 33 -0.07 2.88 8.23
N LYS A 34 0.84 3.86 8.17
CA LYS A 34 1.10 4.81 9.27
C LYS A 34 1.26 6.22 8.68
N GLU A 35 0.89 7.23 9.48
CA GLU A 35 1.01 8.64 9.10
C GLU A 35 0.96 9.51 10.38
ZN ZN B . -0.19 2.86 -1.27
N ASN A 1 -6.13 -14.45 8.33
CA ASN A 1 -5.42 -13.17 8.11
C ASN A 1 -6.37 -12.19 7.40
N ASN A 2 -6.71 -11.07 8.08
CA ASN A 2 -7.59 -10.02 7.51
C ASN A 2 -6.76 -9.05 6.64
N LYS A 3 -6.34 -9.56 5.47
CA LYS A 3 -5.52 -8.80 4.50
C LYS A 3 -6.27 -8.67 3.16
N TYR A 4 -7.62 -8.74 3.24
CA TYR A 4 -8.51 -8.71 2.07
C TYR A 4 -8.51 -7.30 1.45
N LYS A 5 -8.65 -6.28 2.33
CA LYS A 5 -8.62 -4.87 1.94
C LYS A 5 -7.18 -4.42 1.68
N THR A 6 -6.21 -5.13 2.30
CA THR A 6 -4.79 -4.83 2.12
C THR A 6 -4.30 -5.35 0.75
N LYS A 7 -4.56 -4.55 -0.29
CA LYS A 7 -3.92 -4.72 -1.59
C LYS A 7 -2.58 -4.00 -1.48
N LEU A 8 -1.50 -4.78 -1.36
CA LEU A 8 -0.13 -4.24 -1.27
C LEU A 8 0.17 -3.44 -2.54
N CYS A 9 0.56 -2.18 -2.33
CA CYS A 9 0.98 -1.29 -3.40
C CYS A 9 2.27 -1.81 -4.05
N LYS A 10 2.28 -1.87 -5.39
CA LYS A 10 3.45 -2.29 -6.19
C LYS A 10 4.64 -1.34 -5.97
N ASN A 11 4.30 -0.09 -5.58
CA ASN A 11 5.29 0.94 -5.18
C ASN A 11 5.96 0.55 -3.85
N PHE A 12 5.13 0.08 -2.89
CA PHE A 12 5.59 -0.34 -1.54
C PHE A 12 6.17 -1.78 -1.54
N ALA A 13 6.08 -2.48 -2.69
CA ALA A 13 6.78 -3.75 -2.89
C ALA A 13 8.29 -3.47 -2.96
N ARG A 14 9.08 -4.23 -2.16
CA ARG A 14 10.50 -3.94 -1.87
C ARG A 14 11.35 -3.84 -3.17
N GLY A 15 12.08 -2.72 -3.31
CA GLY A 15 12.87 -2.43 -4.52
C GLY A 15 12.14 -1.49 -5.48
N GLY A 16 10.92 -1.03 -5.09
CA GLY A 16 10.12 -0.11 -5.90
C GLY A 16 10.46 1.35 -5.61
N THR A 17 9.44 2.23 -5.69
CA THR A 17 9.59 3.64 -5.32
C THR A 17 9.40 3.80 -3.79
N GLY A 18 8.39 3.08 -3.27
CA GLY A 18 8.04 3.10 -1.85
C GLY A 18 7.07 4.22 -1.50
N PHE A 19 6.82 5.13 -2.45
CA PHE A 19 5.86 6.24 -2.33
C PHE A 19 4.72 6.02 -3.34
N CYS A 20 3.47 5.97 -2.87
CA CYS A 20 2.29 6.03 -3.75
C CYS A 20 2.04 7.50 -4.14
N PRO A 21 1.85 7.82 -5.47
CA PRO A 21 1.58 9.21 -5.95
C PRO A 21 0.34 9.86 -5.27
N TYR A 22 -0.57 8.99 -4.81
CA TYR A 22 -1.78 9.41 -4.08
C TYR A 22 -1.40 9.92 -2.68
N GLY A 23 -0.50 9.18 -2.01
CA GLY A 23 -0.10 9.47 -0.64
C GLY A 23 -0.97 8.76 0.39
N LEU A 24 -1.62 9.55 1.28
CA LEU A 24 -2.51 9.04 2.34
C LEU A 24 -3.86 8.59 1.75
N ARG A 25 -4.27 9.20 0.63
CA ARG A 25 -5.52 8.87 -0.07
C ARG A 25 -5.35 7.66 -1.04
N CYS A 26 -4.25 6.91 -0.90
CA CYS A 26 -4.07 5.62 -1.58
C CYS A 26 -5.01 4.60 -0.94
N GLU A 27 -5.96 4.10 -1.74
CA GLU A 27 -6.92 3.08 -1.29
C GLU A 27 -6.22 1.75 -1.00
N PHE A 28 -5.17 1.47 -1.81
CA PHE A 28 -4.33 0.28 -1.69
C PHE A 28 -3.59 0.34 -0.33
N VAL A 29 -4.07 -0.46 0.62
CA VAL A 29 -3.61 -0.43 2.01
C VAL A 29 -2.15 -0.89 2.11
N HIS A 30 -1.36 -0.05 2.78
CA HIS A 30 0.09 -0.22 2.91
C HIS A 30 0.40 -1.23 4.03
N PRO A 31 1.54 -1.99 3.93
CA PRO A 31 1.87 -3.07 4.89
C PRO A 31 2.43 -2.54 6.24
N THR A 32 2.56 -1.20 6.33
CA THR A 32 3.02 -0.48 7.51
C THR A 32 1.84 -0.02 8.40
N ASP A 33 0.75 -0.82 8.38
CA ASP A 33 -0.46 -0.61 9.21
C ASP A 33 -0.09 -0.66 10.71
N LYS A 34 -0.33 0.47 11.39
CA LYS A 34 -0.04 0.64 12.83
C LYS A 34 -1.24 1.30 13.53
N GLU A 35 -1.19 1.44 14.86
CA GLU A 35 -2.22 2.15 15.64
C GLU A 35 -2.10 3.69 15.42
ZN ZN B . -0.42 2.80 -1.64
N ASN A 1 -11.71 -10.17 12.20
CA ASN A 1 -12.09 -8.80 11.78
C ASN A 1 -10.94 -8.16 11.00
N ASN A 2 -11.26 -7.71 9.77
CA ASN A 2 -10.36 -6.92 8.89
C ASN A 2 -9.11 -7.73 8.47
N LYS A 3 -9.15 -8.28 7.25
CA LYS A 3 -7.98 -8.86 6.57
C LYS A 3 -7.82 -8.27 5.17
N TYR A 4 -8.80 -7.45 4.74
CA TYR A 4 -8.87 -6.90 3.37
C TYR A 4 -7.72 -5.91 3.12
N LYS A 5 -7.17 -5.36 4.22
CA LYS A 5 -6.10 -4.33 4.17
C LYS A 5 -4.71 -4.90 3.78
N THR A 6 -4.69 -6.07 3.15
CA THR A 6 -3.51 -6.59 2.48
C THR A 6 -3.54 -6.22 0.97
N LYS A 7 -4.10 -5.04 0.66
CA LYS A 7 -4.10 -4.45 -0.70
C LYS A 7 -2.69 -3.84 -0.96
N LEU A 8 -1.67 -4.71 -0.97
CA LEU A 8 -0.25 -4.29 -0.98
C LEU A 8 0.05 -3.53 -2.28
N CYS A 9 0.36 -2.23 -2.10
CA CYS A 9 0.74 -1.34 -3.21
C CYS A 9 2.04 -1.80 -3.86
N LYS A 10 2.04 -1.87 -5.20
CA LYS A 10 3.23 -2.21 -5.99
C LYS A 10 4.39 -1.22 -5.72
N ASN A 11 4.02 0.02 -5.33
CA ASN A 11 4.99 1.07 -4.96
C ASN A 11 5.70 0.69 -3.66
N PHE A 12 4.92 0.21 -2.67
CA PHE A 12 5.43 -0.21 -1.35
C PHE A 12 6.01 -1.64 -1.39
N ALA A 13 5.89 -2.32 -2.55
CA ALA A 13 6.53 -3.62 -2.78
C ALA A 13 8.05 -3.43 -2.95
N ARG A 14 8.82 -4.45 -2.53
CA ARG A 14 10.29 -4.44 -2.62
C ARG A 14 10.76 -4.33 -4.08
N GLY A 15 11.59 -3.33 -4.36
CA GLY A 15 12.01 -2.97 -5.72
C GLY A 15 11.30 -1.72 -6.24
N GLY A 16 10.30 -1.24 -5.49
CA GLY A 16 9.60 0.03 -5.79
C GLY A 16 10.21 1.21 -5.06
N THR A 17 9.56 2.37 -5.15
CA THR A 17 10.00 3.60 -4.46
C THR A 17 9.65 3.53 -2.96
N GLY A 18 8.52 2.87 -2.67
CA GLY A 18 7.95 2.82 -1.33
C GLY A 18 6.95 3.94 -1.09
N PHE A 19 6.76 4.82 -2.09
CA PHE A 19 5.85 5.98 -2.02
C PHE A 19 4.71 5.84 -3.05
N CYS A 20 3.45 5.86 -2.59
CA CYS A 20 2.27 5.98 -3.46
C CYS A 20 2.05 7.46 -3.84
N PRO A 21 1.64 7.78 -5.12
CA PRO A 21 1.43 9.18 -5.59
C PRO A 21 0.34 9.92 -4.78
N TYR A 22 -0.67 9.17 -4.35
CA TYR A 22 -1.81 9.69 -3.58
C TYR A 22 -1.47 9.82 -2.09
N GLY A 23 -0.41 9.11 -1.64
CA GLY A 23 -0.01 9.09 -0.23
C GLY A 23 -0.98 8.28 0.62
N LEU A 24 -1.55 8.91 1.66
CA LEU A 24 -2.56 8.28 2.54
C LEU A 24 -3.92 8.15 1.82
N ARG A 25 -4.12 8.95 0.74
CA ARG A 25 -5.36 8.91 -0.07
C ARG A 25 -5.43 7.63 -0.95
N CYS A 26 -4.28 6.93 -1.07
CA CYS A 26 -4.17 5.66 -1.80
C CYS A 26 -5.13 4.61 -1.21
N GLU A 27 -6.06 4.12 -2.03
CA GLU A 27 -7.04 3.09 -1.63
C GLU A 27 -6.34 1.79 -1.26
N PHE A 28 -5.26 1.49 -2.01
CA PHE A 28 -4.42 0.30 -1.75
C PHE A 28 -3.66 0.49 -0.44
N VAL A 29 -3.87 -0.43 0.49
CA VAL A 29 -3.35 -0.35 1.85
C VAL A 29 -1.88 -0.79 1.90
N HIS A 30 -1.09 -0.02 2.63
CA HIS A 30 0.37 -0.13 2.64
C HIS A 30 0.83 -1.17 3.66
N PRO A 31 1.76 -2.12 3.28
CA PRO A 31 2.36 -3.11 4.23
C PRO A 31 3.04 -2.39 5.41
N THR A 32 3.55 -1.19 5.11
CA THR A 32 3.99 -0.23 6.13
C THR A 32 2.75 0.54 6.62
N ASP A 33 1.94 -0.13 7.45
CA ASP A 33 0.68 0.42 7.98
C ASP A 33 0.97 1.30 9.20
N LYS A 34 1.03 2.62 8.97
CA LYS A 34 1.36 3.60 10.01
C LYS A 34 0.12 4.00 10.78
N GLU A 35 0.17 3.84 12.12
CA GLU A 35 -0.95 4.12 13.01
C GLU A 35 -0.36 4.56 14.38
ZN ZN B . -0.67 2.82 -1.56
N ASN A 1 -6.66 -18.61 -0.73
CA ASN A 1 -5.81 -17.91 -1.72
C ASN A 1 -6.17 -16.42 -1.82
N ASN A 2 -7.03 -15.95 -0.90
CA ASN A 2 -7.60 -14.59 -0.96
C ASN A 2 -6.75 -13.60 -0.16
N LYS A 3 -6.11 -12.63 -0.86
CA LYS A 3 -5.41 -11.49 -0.24
C LYS A 3 -6.22 -10.20 -0.51
N TYR A 4 -7.51 -10.28 -0.17
CA TYR A 4 -8.51 -9.21 -0.38
C TYR A 4 -8.10 -7.90 0.32
N LYS A 5 -7.84 -7.98 1.64
CA LYS A 5 -7.47 -6.81 2.45
C LYS A 5 -5.94 -6.60 2.43
N THR A 6 -5.20 -7.61 1.95
CA THR A 6 -3.74 -7.53 1.76
C THR A 6 -3.44 -7.08 0.30
N LYS A 7 -4.15 -6.03 -0.16
CA LYS A 7 -3.95 -5.45 -1.49
C LYS A 7 -2.79 -4.44 -1.41
N LEU A 8 -1.58 -5.00 -1.30
CA LEU A 8 -0.34 -4.26 -1.05
C LEU A 8 0.03 -3.42 -2.29
N CYS A 9 0.28 -2.12 -2.06
CA CYS A 9 0.68 -1.17 -3.11
C CYS A 9 1.96 -1.63 -3.81
N LYS A 10 1.91 -1.74 -5.15
CA LYS A 10 3.09 -2.05 -5.98
C LYS A 10 4.14 -0.93 -5.83
N ASN A 11 3.66 0.26 -5.42
CA ASN A 11 4.51 1.42 -5.10
C ASN A 11 5.43 1.11 -3.90
N PHE A 12 4.83 0.43 -2.88
CA PHE A 12 5.56 0.01 -1.65
C PHE A 12 6.25 -1.34 -1.86
N ALA A 13 5.83 -2.08 -2.90
CA ALA A 13 6.52 -3.31 -3.32
C ALA A 13 7.80 -2.95 -4.08
N ARG A 14 8.86 -3.76 -3.91
CA ARG A 14 10.20 -3.49 -4.47
C ARG A 14 10.15 -3.48 -6.02
N GLY A 15 10.93 -2.55 -6.60
CA GLY A 15 10.74 -2.15 -8.01
C GLY A 15 9.98 -0.83 -8.09
N GLY A 16 9.26 -0.48 -7.00
CA GLY A 16 8.58 0.81 -6.86
C GLY A 16 9.47 1.85 -6.20
N THR A 17 8.90 3.01 -5.87
CA THR A 17 9.63 4.15 -5.26
C THR A 17 9.53 4.13 -3.72
N GLY A 18 8.63 3.28 -3.20
CA GLY A 18 8.30 3.22 -1.78
C GLY A 18 7.22 4.23 -1.37
N PHE A 19 6.87 5.14 -2.29
CA PHE A 19 5.81 6.14 -2.11
C PHE A 19 4.67 5.88 -3.10
N CYS A 20 3.42 5.93 -2.62
CA CYS A 20 2.23 5.93 -3.48
C CYS A 20 1.92 7.39 -3.90
N PRO A 21 1.58 7.67 -5.21
CA PRO A 21 1.38 9.05 -5.72
C PRO A 21 0.25 9.80 -4.99
N TYR A 22 -0.67 9.05 -4.39
CA TYR A 22 -1.84 9.59 -3.67
C TYR A 22 -1.54 9.82 -2.18
N GLY A 23 -0.46 9.17 -1.68
CA GLY A 23 -0.05 9.28 -0.29
C GLY A 23 -0.96 8.49 0.64
N LEU A 24 -1.63 9.18 1.59
CA LEU A 24 -2.60 8.57 2.52
C LEU A 24 -3.92 8.24 1.79
N ARG A 25 -4.20 8.98 0.69
CA ARG A 25 -5.41 8.78 -0.12
C ARG A 25 -5.37 7.48 -0.96
N CYS A 26 -4.19 6.85 -1.02
CA CYS A 26 -3.98 5.61 -1.79
C CYS A 26 -4.94 4.50 -1.32
N GLU A 27 -5.80 4.04 -2.24
CA GLU A 27 -6.84 3.03 -1.98
C GLU A 27 -6.21 1.64 -1.81
N PHE A 28 -5.02 1.44 -2.40
CA PHE A 28 -4.19 0.26 -2.15
C PHE A 28 -3.57 0.40 -0.76
N VAL A 29 -3.67 -0.66 0.06
CA VAL A 29 -3.19 -0.62 1.45
C VAL A 29 -1.67 -0.79 1.52
N HIS A 30 -1.05 -0.08 2.47
CA HIS A 30 0.39 -0.10 2.71
C HIS A 30 0.70 -1.23 3.72
N PRO A 31 1.84 -2.00 3.53
CA PRO A 31 2.19 -3.16 4.41
C PRO A 31 2.25 -2.78 5.90
N THR A 32 2.77 -1.57 6.16
CA THR A 32 2.61 -0.89 7.44
C THR A 32 1.87 0.44 7.17
N ASP A 33 0.54 0.40 7.26
CA ASP A 33 -0.31 1.58 7.03
C ASP A 33 -0.77 2.18 8.36
N LYS A 34 -1.02 3.49 8.34
CA LYS A 34 -1.66 4.24 9.43
C LYS A 34 -2.10 5.61 8.88
N GLU A 35 -2.66 6.47 9.75
CA GLU A 35 -2.79 7.90 9.48
C GLU A 35 -1.48 8.58 9.94
ZN ZN B . -0.47 2.91 -1.38
N ASN A 1 -7.74 -12.98 9.63
CA ASN A 1 -7.60 -11.73 8.86
C ASN A 1 -8.50 -11.76 7.61
N ASN A 2 -8.80 -10.58 7.04
CA ASN A 2 -9.60 -10.44 5.80
C ASN A 2 -8.86 -9.61 4.77
N LYS A 3 -9.23 -9.79 3.49
CA LYS A 3 -8.50 -9.23 2.34
C LYS A 3 -9.00 -7.82 1.96
N TYR A 4 -9.00 -6.92 2.95
CA TYR A 4 -9.24 -5.48 2.75
C TYR A 4 -7.94 -4.72 3.04
N LYS A 5 -7.36 -4.99 4.23
CA LYS A 5 -6.05 -4.43 4.64
C LYS A 5 -4.88 -5.37 4.30
N THR A 6 -5.10 -6.28 3.33
CA THR A 6 -4.02 -7.10 2.73
C THR A 6 -3.72 -6.67 1.27
N LYS A 7 -4.42 -5.61 0.79
CA LYS A 7 -4.29 -5.12 -0.60
C LYS A 7 -3.01 -4.28 -0.77
N LEU A 8 -1.86 -4.98 -0.75
CA LEU A 8 -0.52 -4.37 -0.79
C LEU A 8 -0.30 -3.51 -2.06
N CYS A 9 0.38 -2.37 -1.89
CA CYS A 9 0.71 -1.48 -3.00
C CYS A 9 1.94 -1.98 -3.77
N LYS A 10 1.80 -1.99 -5.11
CA LYS A 10 2.88 -2.29 -6.07
C LYS A 10 4.02 -1.26 -5.97
N ASN A 11 3.67 -0.04 -5.51
CA ASN A 11 4.64 1.05 -5.25
C ASN A 11 5.54 0.63 -4.06
N PHE A 12 4.92 0.01 -3.06
CA PHE A 12 5.60 -0.48 -1.84
C PHE A 12 6.14 -1.91 -2.01
N ALA A 13 6.04 -2.46 -3.24
CA ALA A 13 6.67 -3.74 -3.63
C ALA A 13 8.10 -3.47 -4.13
N ARG A 14 8.98 -4.50 -4.07
CA ARG A 14 10.39 -4.36 -4.49
C ARG A 14 10.49 -4.10 -6.00
N GLY A 15 11.10 -2.97 -6.37
CA GLY A 15 11.10 -2.47 -7.75
C GLY A 15 10.29 -1.20 -7.90
N GLY A 16 9.45 -0.90 -6.89
CA GLY A 16 8.67 0.34 -6.83
C GLY A 16 9.46 1.47 -6.18
N THR A 17 8.81 2.63 -6.03
CA THR A 17 9.45 3.86 -5.48
C THR A 17 9.29 3.92 -3.94
N GLY A 18 8.41 3.04 -3.42
CA GLY A 18 8.14 2.92 -1.96
C GLY A 18 7.14 3.93 -1.44
N PHE A 19 6.76 4.91 -2.28
CA PHE A 19 5.70 5.90 -1.97
C PHE A 19 4.57 5.76 -3.01
N CYS A 20 3.31 5.85 -2.55
CA CYS A 20 2.14 6.02 -3.42
C CYS A 20 1.85 7.53 -3.58
N PRO A 21 1.58 8.05 -4.82
CA PRO A 21 1.48 9.51 -5.10
C PRO A 21 0.41 10.26 -4.26
N TYR A 22 -0.60 9.51 -3.79
CA TYR A 22 -1.73 10.07 -2.99
C TYR A 22 -1.41 10.08 -1.48
N GLY A 23 -0.31 9.45 -1.09
CA GLY A 23 0.05 9.28 0.31
C GLY A 23 -0.82 8.23 1.00
N LEU A 24 -1.43 8.61 2.14
CA LEU A 24 -2.35 7.74 2.90
C LEU A 24 -3.73 7.65 2.19
N ARG A 25 -4.01 8.61 1.29
CA ARG A 25 -5.25 8.66 0.48
C ARG A 25 -5.24 7.64 -0.68
N CYS A 26 -4.15 6.85 -0.79
CA CYS A 26 -4.01 5.80 -1.79
C CYS A 26 -5.09 4.70 -1.64
N GLU A 27 -5.59 4.23 -2.79
CA GLU A 27 -6.63 3.19 -2.89
C GLU A 27 -6.21 1.91 -2.18
N PHE A 28 -5.02 1.42 -2.55
CA PHE A 28 -4.46 0.19 -2.00
C PHE A 28 -3.72 0.48 -0.69
N VAL A 29 -3.88 -0.43 0.28
CA VAL A 29 -3.29 -0.31 1.62
C VAL A 29 -1.79 -0.67 1.59
N HIS A 30 -1.01 0.07 2.35
CA HIS A 30 0.46 -0.07 2.38
C HIS A 30 0.88 -1.06 3.49
N PRO A 31 2.04 -1.77 3.36
CA PRO A 31 2.64 -2.57 4.47
C PRO A 31 3.01 -1.70 5.70
N THR A 32 3.14 -0.37 5.48
CA THR A 32 3.37 0.61 6.54
C THR A 32 2.08 0.85 7.37
N ASP A 33 0.92 0.62 6.73
CA ASP A 33 -0.40 0.77 7.35
C ASP A 33 -0.72 -0.46 8.22
N LYS A 34 -1.26 -0.20 9.42
CA LYS A 34 -1.71 -1.25 10.37
C LYS A 34 -2.90 -0.69 11.18
N GLU A 35 -3.48 0.40 10.65
CA GLU A 35 -4.56 1.17 11.28
C GLU A 35 -5.95 0.61 10.86
ZN ZN B . -0.66 2.88 -1.84
N ASN A 1 -15.29 -5.56 11.19
CA ASN A 1 -15.29 -6.40 9.97
C ASN A 1 -15.03 -5.53 8.73
N ASN A 2 -13.92 -5.81 8.01
CA ASN A 2 -13.56 -5.12 6.74
C ASN A 2 -12.78 -6.09 5.83
N LYS A 3 -12.49 -5.65 4.61
CA LYS A 3 -11.69 -6.42 3.63
C LYS A 3 -10.74 -5.49 2.83
N TYR A 4 -10.50 -4.28 3.37
CA TYR A 4 -9.58 -3.28 2.76
C TYR A 4 -8.15 -3.83 2.60
N LYS A 5 -7.74 -4.70 3.54
CA LYS A 5 -6.43 -5.35 3.49
C LYS A 5 -6.54 -6.63 2.63
N THR A 6 -6.26 -6.47 1.32
CA THR A 6 -6.28 -7.56 0.34
C THR A 6 -4.87 -7.77 -0.26
N LYS A 7 -4.15 -6.66 -0.50
CA LYS A 7 -2.77 -6.71 -1.04
C LYS A 7 -2.04 -5.37 -0.83
N LEU A 8 -0.71 -5.44 -0.67
CA LEU A 8 0.14 -4.25 -0.55
C LEU A 8 0.27 -3.54 -1.91
N CYS A 9 0.56 -2.21 -1.87
CA CYS A 9 0.80 -1.40 -3.09
C CYS A 9 2.00 -1.92 -3.90
N LYS A 10 1.90 -1.80 -5.23
CA LYS A 10 3.03 -2.07 -6.16
C LYS A 10 4.16 -1.04 -5.94
N ASN A 11 3.78 0.15 -5.44
CA ASN A 11 4.73 1.20 -5.03
C ASN A 11 5.62 0.70 -3.87
N PHE A 12 4.95 0.02 -2.91
CA PHE A 12 5.58 -0.47 -1.67
C PHE A 12 6.12 -1.92 -1.84
N ALA A 13 6.08 -2.44 -3.07
CA ALA A 13 6.62 -3.78 -3.40
C ALA A 13 8.17 -3.78 -3.30
N ARG A 14 8.76 -4.98 -3.14
CA ARG A 14 10.23 -5.13 -2.97
C ARG A 14 10.96 -4.80 -4.29
N GLY A 15 11.73 -3.70 -4.27
CA GLY A 15 12.37 -3.16 -5.49
C GLY A 15 11.65 -1.91 -6.01
N GLY A 16 10.57 -1.52 -5.29
CA GLY A 16 9.82 -0.31 -5.60
C GLY A 16 10.44 0.93 -4.96
N THR A 17 9.79 2.08 -5.18
CA THR A 17 10.20 3.38 -4.58
C THR A 17 9.72 3.49 -3.13
N GLY A 18 8.53 2.91 -2.89
CA GLY A 18 7.88 2.93 -1.59
C GLY A 18 6.92 4.10 -1.44
N PHE A 19 6.78 4.92 -2.49
CA PHE A 19 5.95 6.14 -2.48
C PHE A 19 4.73 5.97 -3.40
N CYS A 20 3.52 6.05 -2.81
CA CYS A 20 2.25 6.14 -3.57
C CYS A 20 2.00 7.60 -4.01
N PRO A 21 1.54 7.85 -5.28
CA PRO A 21 1.25 9.22 -5.80
C PRO A 21 0.07 9.89 -5.05
N TYR A 22 -0.84 9.06 -4.52
CA TYR A 22 -2.01 9.52 -3.75
C TYR A 22 -1.62 9.75 -2.29
N GLY A 23 -0.48 9.18 -1.87
CA GLY A 23 -0.02 9.24 -0.49
C GLY A 23 -0.80 8.30 0.43
N LEU A 24 -1.25 8.82 1.59
CA LEU A 24 -2.08 8.06 2.56
C LEU A 24 -3.49 7.84 2.02
N ARG A 25 -3.92 8.75 1.11
CA ARG A 25 -5.23 8.66 0.43
C ARG A 25 -5.28 7.51 -0.60
N CYS A 26 -4.14 6.84 -0.83
CA CYS A 26 -4.08 5.65 -1.68
C CYS A 26 -4.98 4.53 -1.12
N GLU A 27 -5.96 4.13 -1.93
CA GLU A 27 -6.92 3.07 -1.59
C GLU A 27 -6.22 1.70 -1.47
N PHE A 28 -5.12 1.52 -2.23
CA PHE A 28 -4.29 0.31 -2.15
C PHE A 28 -3.57 0.34 -0.80
N VAL A 29 -3.90 -0.64 0.06
CA VAL A 29 -3.42 -0.66 1.44
C VAL A 29 -1.89 -0.86 1.49
N HIS A 30 -1.26 -0.12 2.39
CA HIS A 30 0.19 -0.12 2.60
C HIS A 30 0.55 -1.18 3.66
N PRO A 31 1.78 -1.79 3.60
CA PRO A 31 2.24 -2.78 4.60
C PRO A 31 2.50 -2.16 5.99
N THR A 32 2.35 -0.81 6.09
CA THR A 32 2.45 -0.05 7.35
C THR A 32 1.12 -0.09 8.14
N ASP A 33 0.06 -0.70 7.56
CA ASP A 33 -1.28 -0.78 8.17
C ASP A 33 -1.26 -1.56 9.52
N LYS A 34 -1.92 -0.97 10.53
CA LYS A 34 -2.06 -1.54 11.89
C LYS A 34 -3.55 -1.66 12.28
N GLU A 35 -4.46 -1.63 11.27
CA GLU A 35 -5.91 -1.66 11.50
C GLU A 35 -6.35 -3.07 11.99
ZN ZN B . -0.63 2.85 -1.65
N ASN A 1 -14.89 -13.54 2.15
CA ASN A 1 -14.96 -12.17 2.72
C ASN A 1 -14.96 -11.17 1.56
N ASN A 2 -16.06 -10.39 1.44
CA ASN A 2 -16.26 -9.43 0.34
C ASN A 2 -15.39 -8.18 0.58
N LYS A 3 -14.09 -8.27 0.20
CA LYS A 3 -13.10 -7.20 0.42
C LYS A 3 -12.12 -7.11 -0.77
N TYR A 4 -11.80 -5.86 -1.15
CA TYR A 4 -10.76 -5.53 -2.17
C TYR A 4 -9.62 -4.72 -1.51
N LYS A 5 -9.90 -4.20 -0.29
CA LYS A 5 -9.03 -3.23 0.42
C LYS A 5 -7.59 -3.76 0.61
N THR A 6 -7.43 -4.89 1.34
CA THR A 6 -6.11 -5.44 1.69
C THR A 6 -5.35 -5.96 0.45
N LYS A 7 -4.53 -5.07 -0.13
CA LYS A 7 -3.68 -5.36 -1.27
C LYS A 7 -2.43 -4.47 -1.17
N LEU A 8 -1.26 -5.12 -0.98
CA LEU A 8 0.04 -4.47 -0.81
C LEU A 8 0.38 -3.61 -2.04
N CYS A 9 0.57 -2.29 -1.82
CA CYS A 9 0.90 -1.32 -2.87
C CYS A 9 2.20 -1.70 -3.61
N LYS A 10 2.13 -1.76 -4.95
CA LYS A 10 3.30 -2.00 -5.84
C LYS A 10 4.42 -0.97 -5.57
N ASN A 11 4.01 0.20 -5.09
CA ASN A 11 4.89 1.31 -4.71
C ASN A 11 5.80 0.90 -3.54
N PHE A 12 5.18 0.27 -2.54
CA PHE A 12 5.87 -0.17 -1.31
C PHE A 12 6.48 -1.58 -1.48
N ALA A 13 6.14 -2.26 -2.58
CA ALA A 13 6.79 -3.52 -2.99
C ALA A 13 8.21 -3.23 -3.51
N ARG A 14 9.16 -4.17 -3.28
CA ARG A 14 10.57 -4.01 -3.73
C ARG A 14 10.65 -3.94 -5.27
N GLY A 15 11.20 -2.82 -5.78
CA GLY A 15 11.15 -2.49 -7.21
C GLY A 15 10.25 -1.29 -7.49
N GLY A 16 9.49 -0.87 -6.47
CA GLY A 16 8.62 0.30 -6.53
C GLY A 16 9.32 1.59 -6.12
N THR A 17 8.63 2.73 -6.29
CA THR A 17 9.15 4.07 -5.96
C THR A 17 9.25 4.30 -4.43
N GLY A 18 8.52 3.45 -3.68
CA GLY A 18 8.37 3.55 -2.22
C GLY A 18 7.30 4.56 -1.80
N PHE A 19 6.83 5.36 -2.76
CA PHE A 19 5.79 6.36 -2.57
C PHE A 19 4.57 6.00 -3.42
N CYS A 20 3.40 5.92 -2.79
CA CYS A 20 2.13 5.95 -3.51
C CYS A 20 1.93 7.39 -4.05
N PRO A 21 1.69 7.57 -5.40
CA PRO A 21 1.50 8.92 -6.00
C PRO A 21 0.28 9.65 -5.40
N TYR A 22 -0.64 8.85 -4.88
CA TYR A 22 -1.87 9.32 -4.25
C TYR A 22 -1.62 9.69 -2.78
N GLY A 23 -0.55 9.14 -2.17
CA GLY A 23 -0.13 9.47 -0.81
C GLY A 23 -1.16 9.10 0.26
N LEU A 24 -1.83 10.12 0.84
CA LEU A 24 -2.93 9.94 1.80
C LEU A 24 -4.18 9.42 1.08
N ARG A 25 -4.36 9.89 -0.17
CA ARG A 25 -5.52 9.57 -1.03
C ARG A 25 -5.41 8.17 -1.67
N CYS A 26 -4.42 7.36 -1.22
CA CYS A 26 -4.20 5.98 -1.69
C CYS A 26 -5.38 5.08 -1.31
N GLU A 27 -5.73 4.15 -2.22
CA GLU A 27 -6.83 3.18 -2.02
C GLU A 27 -6.26 1.80 -1.65
N PHE A 28 -5.05 1.51 -2.14
CA PHE A 28 -4.36 0.22 -1.91
C PHE A 28 -3.66 0.23 -0.53
N VAL A 29 -3.69 -0.93 0.14
CA VAL A 29 -3.13 -1.11 1.48
C VAL A 29 -1.59 -1.13 1.46
N HIS A 30 -0.98 -0.45 2.44
CA HIS A 30 0.46 -0.45 2.64
C HIS A 30 0.83 -1.61 3.59
N PRO A 31 2.01 -2.25 3.41
CA PRO A 31 2.45 -3.41 4.24
C PRO A 31 2.56 -3.08 5.75
N THR A 32 2.70 -1.78 6.05
CA THR A 32 2.84 -1.26 7.43
C THR A 32 1.62 -0.41 7.86
N ASP A 33 0.64 -0.30 6.96
CA ASP A 33 -0.55 0.56 7.13
C ASP A 33 -1.73 -0.11 6.42
N LYS A 34 -2.42 -0.99 7.17
CA LYS A 34 -3.49 -1.84 6.62
C LYS A 34 -4.81 -1.05 6.54
N GLU A 35 -5.54 -0.96 7.66
CA GLU A 35 -6.83 -0.26 7.73
C GLU A 35 -7.05 0.23 9.18
ZN ZN B . -0.58 2.90 -1.20
N ASN A 1 -7.75 -9.45 9.76
CA ASN A 1 -7.80 -9.27 8.29
C ASN A 1 -8.94 -10.10 7.71
N ASN A 2 -10.01 -9.44 7.25
CA ASN A 2 -11.13 -10.08 6.53
C ASN A 2 -10.77 -10.26 5.04
N LYS A 3 -9.78 -9.45 4.58
CA LYS A 3 -9.33 -9.38 3.18
C LYS A 3 -10.47 -8.84 2.29
N TYR A 4 -10.48 -7.52 2.06
CA TYR A 4 -11.61 -6.81 1.40
C TYR A 4 -11.09 -5.63 0.56
N LYS A 5 -10.48 -4.63 1.22
CA LYS A 5 -9.82 -3.48 0.56
C LYS A 5 -8.30 -3.66 0.56
N THR A 6 -7.87 -4.88 0.88
CA THR A 6 -6.46 -5.21 1.14
C THR A 6 -5.70 -5.51 -0.17
N LYS A 7 -5.50 -4.45 -0.97
CA LYS A 7 -4.67 -4.48 -2.17
C LYS A 7 -3.31 -3.90 -1.81
N LEU A 8 -2.29 -4.76 -1.67
CA LEU A 8 -0.92 -4.34 -1.36
C LEU A 8 -0.38 -3.40 -2.47
N CYS A 9 0.17 -2.25 -2.05
CA CYS A 9 0.79 -1.27 -2.95
C CYS A 9 2.03 -1.85 -3.63
N LYS A 10 2.00 -1.87 -4.98
CA LYS A 10 3.14 -2.22 -5.84
C LYS A 10 4.29 -1.21 -5.64
N ASN A 11 3.91 0.03 -5.24
CA ASN A 11 4.86 1.09 -4.85
C ASN A 11 5.74 0.60 -3.68
N PHE A 12 5.07 -0.02 -2.69
CA PHE A 12 5.68 -0.48 -1.44
C PHE A 12 6.20 -1.93 -1.53
N ALA A 13 6.15 -2.51 -2.74
CA ALA A 13 6.76 -3.82 -3.04
C ALA A 13 8.20 -3.62 -3.54
N ARG A 14 9.03 -4.67 -3.39
CA ARG A 14 10.46 -4.64 -3.75
C ARG A 14 10.64 -4.29 -5.25
N GLY A 15 11.41 -3.23 -5.52
CA GLY A 15 11.68 -2.77 -6.89
C GLY A 15 10.93 -1.48 -7.22
N GLY A 16 9.89 -1.18 -6.42
CA GLY A 16 9.12 0.05 -6.57
C GLY A 16 9.79 1.26 -5.93
N THR A 17 9.18 2.44 -6.11
CA THR A 17 9.65 3.72 -5.54
C THR A 17 9.49 3.76 -4.00
N GLY A 18 8.51 3.01 -3.48
CA GLY A 18 8.17 2.99 -2.06
C GLY A 18 7.19 4.07 -1.66
N PHE A 19 6.89 4.99 -2.59
CA PHE A 19 5.95 6.10 -2.37
C PHE A 19 4.72 5.96 -3.28
N CYS A 20 3.52 5.95 -2.68
CA CYS A 20 2.26 6.01 -3.42
C CYS A 20 1.95 7.48 -3.81
N PRO A 21 1.81 7.81 -5.13
CA PRO A 21 1.65 9.22 -5.61
C PRO A 21 0.34 9.88 -5.11
N TYR A 22 -0.63 9.02 -4.73
CA TYR A 22 -1.94 9.46 -4.22
C TYR A 22 -1.85 9.96 -2.76
N GLY A 23 -0.82 9.49 -2.04
CA GLY A 23 -0.60 9.88 -0.64
C GLY A 23 -1.72 9.42 0.29
N LEU A 24 -2.50 10.40 0.79
CA LEU A 24 -3.65 10.15 1.68
C LEU A 24 -4.78 9.41 0.92
N ARG A 25 -4.90 9.70 -0.38
CA ARG A 25 -5.98 9.18 -1.24
C ARG A 25 -5.67 7.77 -1.79
N CYS A 26 -4.55 7.15 -1.33
CA CYS A 26 -4.15 5.81 -1.78
C CYS A 26 -5.15 4.75 -1.30
N GLU A 27 -5.81 4.09 -2.27
CA GLU A 27 -6.82 3.04 -2.05
C GLU A 27 -6.14 1.71 -1.74
N PHE A 28 -4.93 1.55 -2.27
CA PHE A 28 -4.09 0.38 -2.05
C PHE A 28 -3.46 0.49 -0.64
N VAL A 29 -3.61 -0.58 0.16
CA VAL A 29 -3.10 -0.62 1.53
C VAL A 29 -1.57 -0.86 1.55
N HIS A 30 -0.88 -0.21 2.48
CA HIS A 30 0.58 -0.30 2.64
C HIS A 30 0.89 -1.42 3.64
N PRO A 31 2.00 -2.19 3.47
CA PRO A 31 2.32 -3.33 4.33
C PRO A 31 2.85 -2.88 5.71
N THR A 32 3.19 -1.59 5.79
CA THR A 32 3.64 -0.91 7.00
C THR A 32 2.44 -0.32 7.75
N ASP A 33 1.40 0.07 6.98
CA ASP A 33 0.12 0.56 7.54
C ASP A 33 -0.86 -0.61 7.70
N LYS A 34 -2.09 -0.29 8.17
CA LYS A 34 -3.10 -1.31 8.48
C LYS A 34 -4.50 -0.79 8.06
N GLU A 35 -5.44 -1.72 7.82
CA GLU A 35 -6.81 -1.40 7.40
C GLU A 35 -7.80 -2.30 8.17
ZN ZN B . -0.36 2.98 -1.25
N ASN A 1 -9.70 -8.64 14.13
CA ASN A 1 -8.87 -9.52 13.27
C ASN A 1 -9.20 -9.25 11.79
N ASN A 2 -8.49 -8.28 11.20
CA ASN A 2 -8.74 -7.85 9.81
C ASN A 2 -7.59 -8.33 8.91
N LYS A 3 -7.91 -9.29 8.03
CA LYS A 3 -7.01 -9.72 6.94
C LYS A 3 -7.65 -9.33 5.58
N TYR A 4 -8.64 -8.42 5.65
CA TYR A 4 -9.49 -8.04 4.52
C TYR A 4 -8.76 -7.05 3.61
N LYS A 5 -8.28 -5.94 4.20
CA LYS A 5 -7.53 -4.91 3.49
C LYS A 5 -6.04 -5.29 3.47
N THR A 6 -5.67 -6.15 2.50
CA THR A 6 -4.29 -6.66 2.33
C THR A 6 -3.86 -6.62 0.86
N LYS A 7 -4.65 -5.92 0.00
CA LYS A 7 -4.22 -5.61 -1.38
C LYS A 7 -3.09 -4.56 -1.31
N LEU A 8 -1.87 -5.06 -1.10
CA LEU A 8 -0.68 -4.23 -0.85
C LEU A 8 -0.31 -3.43 -2.11
N CYS A 9 0.26 -2.25 -1.88
CA CYS A 9 0.77 -1.38 -2.94
C CYS A 9 2.05 -1.97 -3.52
N LYS A 10 2.08 -2.14 -4.86
CA LYS A 10 3.30 -2.52 -5.59
C LYS A 10 4.34 -1.38 -5.51
N ASN A 11 3.84 -0.17 -5.23
CA ASN A 11 4.65 1.02 -4.93
C ASN A 11 5.56 0.72 -3.71
N PHE A 12 4.93 0.15 -2.67
CA PHE A 12 5.59 -0.17 -1.38
C PHE A 12 6.27 -1.55 -1.42
N ALA A 13 5.83 -2.43 -2.34
CA ALA A 13 6.45 -3.75 -2.55
C ALA A 13 7.88 -3.59 -3.09
N ARG A 14 8.77 -4.53 -2.70
CA ARG A 14 10.21 -4.48 -3.00
C ARG A 14 10.49 -4.34 -4.51
N GLY A 15 11.30 -3.35 -4.89
CA GLY A 15 11.57 -3.01 -6.29
C GLY A 15 10.85 -1.75 -6.73
N GLY A 16 9.80 -1.37 -5.99
CA GLY A 16 9.11 -0.10 -6.19
C GLY A 16 9.84 1.07 -5.55
N THR A 17 9.28 2.28 -5.68
CA THR A 17 9.84 3.51 -5.11
C THR A 17 9.64 3.55 -3.58
N GLY A 18 8.54 2.93 -3.13
CA GLY A 18 8.12 2.91 -1.73
C GLY A 18 7.05 3.96 -1.44
N PHE A 19 6.76 4.81 -2.44
CA PHE A 19 5.82 5.93 -2.33
C PHE A 19 4.60 5.75 -3.25
N CYS A 20 3.38 5.94 -2.71
CA CYS A 20 2.14 6.10 -3.49
C CYS A 20 1.94 7.60 -3.80
N PRO A 21 1.55 7.96 -5.07
CA PRO A 21 1.32 9.39 -5.47
C PRO A 21 0.30 10.13 -4.58
N TYR A 22 -0.69 9.38 -4.08
CA TYR A 22 -1.80 9.93 -3.26
C TYR A 22 -1.42 9.97 -1.76
N GLY A 23 -0.27 9.36 -1.40
CA GLY A 23 0.16 9.22 -0.02
C GLY A 23 -0.72 8.24 0.75
N LEU A 24 -1.29 8.68 1.89
CA LEU A 24 -2.22 7.85 2.70
C LEU A 24 -3.64 7.84 2.06
N ARG A 25 -3.91 8.79 1.13
CA ARG A 25 -5.18 8.83 0.35
C ARG A 25 -5.25 7.68 -0.70
N CYS A 26 -4.15 6.91 -0.83
CA CYS A 26 -4.04 5.76 -1.75
C CYS A 26 -5.18 4.74 -1.58
N GLU A 27 -5.68 4.19 -2.71
CA GLU A 27 -6.75 3.17 -2.71
C GLU A 27 -6.23 1.83 -2.18
N PHE A 28 -4.98 1.51 -2.52
CA PHE A 28 -4.33 0.25 -2.15
C PHE A 28 -3.64 0.40 -0.77
N VAL A 29 -3.67 -0.70 -0.01
CA VAL A 29 -3.17 -0.74 1.39
C VAL A 29 -1.64 -0.84 1.39
N HIS A 30 -1.02 -0.16 2.36
CA HIS A 30 0.43 -0.13 2.50
C HIS A 30 0.85 -1.30 3.42
N PRO A 31 1.76 -2.23 2.98
CA PRO A 31 2.26 -3.35 3.83
C PRO A 31 2.92 -2.85 5.14
N THR A 32 3.38 -1.60 5.12
CA THR A 32 3.94 -0.91 6.28
C THR A 32 2.86 -0.46 7.29
N ASP A 33 1.67 -0.11 6.76
CA ASP A 33 0.51 0.33 7.57
C ASP A 33 -0.57 -0.77 7.59
N LYS A 34 -0.68 -1.46 8.72
CA LYS A 34 -1.58 -2.63 8.88
C LYS A 34 -2.45 -2.44 10.13
N GLU A 35 -3.66 -3.05 10.13
CA GLU A 35 -4.53 -3.14 11.31
C GLU A 35 -3.79 -3.87 12.47
ZN ZN B . -0.63 2.86 -1.47
N ASN A 1 2.12 -14.37 5.23
CA ASN A 1 1.43 -15.64 4.90
C ASN A 1 0.29 -15.37 3.91
N ASN A 2 -0.78 -14.72 4.41
CA ASN A 2 -1.97 -14.35 3.65
C ASN A 2 -2.06 -12.82 3.57
N LYS A 3 -2.09 -12.28 2.33
CA LYS A 3 -2.18 -10.82 2.10
C LYS A 3 -3.38 -10.48 1.20
N TYR A 4 -4.42 -11.35 1.25
CA TYR A 4 -5.63 -11.22 0.42
C TYR A 4 -6.46 -10.00 0.86
N LYS A 5 -6.48 -9.74 2.18
CA LYS A 5 -7.14 -8.58 2.80
C LYS A 5 -6.45 -7.28 2.37
N THR A 6 -5.11 -7.28 2.41
CA THR A 6 -4.29 -6.10 2.12
C THR A 6 -4.19 -5.86 0.59
N LYS A 7 -4.76 -4.76 0.12
CA LYS A 7 -4.61 -4.27 -1.26
C LYS A 7 -3.19 -3.69 -1.37
N LEU A 8 -2.21 -4.57 -1.59
CA LEU A 8 -0.78 -4.26 -1.40
C LEU A 8 -0.27 -3.29 -2.49
N CYS A 9 0.35 -2.19 -2.04
CA CYS A 9 1.00 -1.23 -2.94
C CYS A 9 2.38 -1.76 -3.37
N LYS A 10 2.54 -1.93 -4.70
CA LYS A 10 3.84 -2.26 -5.33
C LYS A 10 4.88 -1.15 -5.04
N ASN A 11 4.36 0.07 -4.78
CA ASN A 11 5.15 1.28 -4.46
C ASN A 11 6.01 1.02 -3.21
N PHE A 12 5.38 0.44 -2.17
CA PHE A 12 6.02 0.17 -0.87
C PHE A 12 6.71 -1.21 -0.83
N ALA A 13 6.33 -2.09 -1.77
CA ALA A 13 7.00 -3.40 -1.94
C ALA A 13 8.46 -3.19 -2.39
N ARG A 14 9.37 -4.05 -1.89
CA ARG A 14 10.83 -3.92 -2.11
C ARG A 14 11.16 -4.00 -3.63
N GLY A 15 11.98 -3.05 -4.10
CA GLY A 15 12.17 -2.78 -5.53
C GLY A 15 11.32 -1.61 -5.98
N GLY A 16 10.47 -1.10 -5.06
CA GLY A 16 9.60 0.03 -5.29
C GLY A 16 10.23 1.36 -4.95
N THR A 17 9.53 2.45 -5.32
CA THR A 17 9.97 3.84 -5.07
C THR A 17 9.63 4.30 -3.64
N GLY A 18 8.71 3.57 -2.98
CA GLY A 18 8.25 3.88 -1.62
C GLY A 18 7.19 4.98 -1.56
N PHE A 19 6.90 5.57 -2.72
CA PHE A 19 5.94 6.66 -2.88
C PHE A 19 4.70 6.18 -3.65
N CYS A 20 3.54 6.16 -2.99
CA CYS A 20 2.25 5.99 -3.67
C CYS A 20 1.79 7.36 -4.23
N PRO A 21 1.25 7.42 -5.49
CA PRO A 21 0.94 8.72 -6.16
C PRO A 21 -0.20 9.50 -5.46
N TYR A 22 -1.02 8.78 -4.68
CA TYR A 22 -2.14 9.36 -3.90
C TYR A 22 -1.71 9.69 -2.46
N GLY A 23 -0.59 9.09 -2.00
CA GLY A 23 -0.03 9.32 -0.66
C GLY A 23 -0.92 8.79 0.47
N LEU A 24 -1.57 9.72 1.20
CA LEU A 24 -2.49 9.40 2.32
C LEU A 24 -3.83 8.85 1.79
N ARG A 25 -4.25 9.38 0.64
CA ARG A 25 -5.52 8.98 -0.01
C ARG A 25 -5.33 7.77 -0.94
N CYS A 26 -4.25 6.99 -0.73
CA CYS A 26 -3.98 5.78 -1.51
C CYS A 26 -5.03 4.70 -1.20
N GLU A 27 -5.80 4.32 -2.24
CA GLU A 27 -6.89 3.33 -2.15
C GLU A 27 -6.35 1.90 -1.96
N PHE A 28 -5.05 1.71 -2.22
CA PHE A 28 -4.34 0.48 -1.93
C PHE A 28 -3.67 0.64 -0.55
N VAL A 29 -4.09 -0.20 0.43
CA VAL A 29 -3.55 -0.15 1.80
C VAL A 29 -2.14 -0.74 1.84
N HIS A 30 -1.23 -0.02 2.49
CA HIS A 30 0.20 -0.37 2.51
C HIS A 30 0.43 -1.54 3.46
N PRO A 31 1.27 -2.55 3.08
CA PRO A 31 1.61 -3.68 3.98
C PRO A 31 2.19 -3.19 5.32
N THR A 32 3.06 -2.17 5.26
CA THR A 32 3.55 -1.44 6.45
C THR A 32 2.96 -0.01 6.41
N ASP A 33 1.67 0.09 6.76
CA ASP A 33 0.91 1.36 6.73
C ASP A 33 0.91 2.00 8.13
N LYS A 34 1.50 3.21 8.23
CA LYS A 34 1.52 4.03 9.48
C LYS A 34 2.11 3.27 10.68
N GLU A 35 2.91 2.24 10.39
CA GLU A 35 3.49 1.32 11.36
C GLU A 35 4.95 1.75 11.66
ZN ZN B . -0.33 2.96 -1.35
#